data_5MAS
# 
_entry.id   5MAS 
# 
_audit_conform.dict_name       mmcif_pdbx.dic 
_audit_conform.dict_version    5.403 
_audit_conform.dict_location   http://mmcif.pdb.org/dictionaries/ascii/mmcif_pdbx.dic 
# 
loop_
_database_2.database_id 
_database_2.database_code 
_database_2.pdbx_database_accession 
_database_2.pdbx_DOI 
PDB   5MAS         pdb_00005mas 10.2210/pdb5mas/pdb 
WWPDB D_1200002201 ?            ?                   
# 
loop_
_pdbx_audit_revision_history.ordinal 
_pdbx_audit_revision_history.data_content_type 
_pdbx_audit_revision_history.major_revision 
_pdbx_audit_revision_history.minor_revision 
_pdbx_audit_revision_history.revision_date 
_pdbx_audit_revision_history.part_number 
1 'Structure model' 1 0 2017-02-22 ? 
2 'Structure model' 1 1 2017-03-01 ? 
3 'Structure model' 1 2 2025-04-09 ? 
# 
_pdbx_audit_revision_details.ordinal             1 
_pdbx_audit_revision_details.revision_ordinal    1 
_pdbx_audit_revision_details.data_content_type   'Structure model' 
_pdbx_audit_revision_details.provider            repository 
_pdbx_audit_revision_details.type                'Initial release' 
_pdbx_audit_revision_details.description         ? 
_pdbx_audit_revision_details.details             ? 
# 
loop_
_pdbx_audit_revision_group.ordinal 
_pdbx_audit_revision_group.revision_ordinal 
_pdbx_audit_revision_group.data_content_type 
_pdbx_audit_revision_group.group 
1 2 'Structure model' 'Database references' 
2 3 'Structure model' 'Data collection'     
3 3 'Structure model' 'Database references' 
4 3 'Structure model' 'Structure summary'   
# 
loop_
_pdbx_audit_revision_category.ordinal 
_pdbx_audit_revision_category.revision_ordinal 
_pdbx_audit_revision_category.data_content_type 
_pdbx_audit_revision_category.category 
1 3 'Structure model' chem_comp                 
2 3 'Structure model' chem_comp_atom            
3 3 'Structure model' chem_comp_bond            
4 3 'Structure model' database_2                
5 3 'Structure model' pdbx_entry_details        
6 3 'Structure model' pdbx_modification_feature 
# 
loop_
_pdbx_audit_revision_item.ordinal 
_pdbx_audit_revision_item.revision_ordinal 
_pdbx_audit_revision_item.data_content_type 
_pdbx_audit_revision_item.item 
1 3 'Structure model' '_chem_comp.pdbx_synonyms'            
2 3 'Structure model' '_database_2.pdbx_DOI'                
3 3 'Structure model' '_database_2.pdbx_database_accession' 
# 
_pdbx_database_status.status_code                     REL 
_pdbx_database_status.status_code_sf                  REL 
_pdbx_database_status.status_code_mr                  ? 
_pdbx_database_status.entry_id                        5MAS 
_pdbx_database_status.recvd_initial_deposition_date   2016-11-04 
_pdbx_database_status.SG_entry                        N 
_pdbx_database_status.deposit_site                    PDBE 
_pdbx_database_status.process_site                    PDBE 
_pdbx_database_status.status_code_cs                  ? 
_pdbx_database_status.methods_development_category    ? 
_pdbx_database_status.pdb_format_compatible           Y 
_pdbx_database_status.status_code_nmr_data            ? 
# 
loop_
_pdbx_database_related.db_name 
_pdbx_database_related.details 
_pdbx_database_related.db_id 
_pdbx_database_related.content_type 
PDB . 4G13 unspecified 
PDB . 4G14 unspecified 
# 
loop_
_audit_author.name 
_audit_author.pdbx_ordinal 
_audit_author.identifier_ORCID 
'Gessmann, R.' 1 ? 
'Petratos, K.' 2 ? 
# 
_citation.abstract                  ? 
_citation.abstract_id_CAS           ? 
_citation.book_id_ISBN              ? 
_citation.book_publisher            ? 
_citation.book_publisher_city       ? 
_citation.book_title                ? 
_citation.coordinate_linkage        ? 
_citation.country                   US 
_citation.database_id_Medline       ? 
_citation.details                   ? 
_citation.id                        primary 
_citation.journal_abbrev            'Acta Crystallogr F Struct Biol Commun' 
_citation.journal_id_ASTM           ACSFEN 
_citation.journal_id_CSD            ? 
_citation.journal_id_ISSN           2053-230X 
_citation.journal_full              ? 
_citation.journal_issue             ? 
_citation.journal_volume            73 
_citation.language                  ? 
_citation.page_first                95 
_citation.page_last                 100 
_citation.title                     
'A natural, single-residue substitution yields a less active peptaibiotic: the structure of bergofungin A at atomic resolution.' 
_citation.year                      2017 
_citation.database_id_CSD           ? 
_citation.pdbx_database_id_DOI      10.1107/S2053230X17001236 
_citation.pdbx_database_id_PubMed   28177320 
_citation.unpublished_flag          ? 
# 
loop_
_citation_author.citation_id 
_citation_author.name 
_citation_author.ordinal 
_citation_author.identifier_ORCID 
primary 'Gessmann, R.' 1 ? 
primary 'Axford, D.'   2 ? 
primary 'Bruckner, H.' 3 ? 
primary 'Berg, A.'     4 ? 
primary 'Petratos, K.' 5 ? 
# 
loop_
_entity.id 
_entity.type 
_entity.src_method 
_entity.pdbx_description 
_entity.formula_weight 
_entity.pdbx_number_of_molecules 
_entity.pdbx_ec 
_entity.pdbx_mutation 
_entity.pdbx_fragment 
_entity.details 
1 polymer nat 'Bergofungin A' 1509.833 1 ? ? ? 'NOR00964 in norine database (http://bioinfo.lifl.fr/norine/form.jsp)' 
2 water   nat water           18.015   1 ? ? ? ?                                                                      
# 
_entity_poly.entity_id                      1 
_entity_poly.type                           'polypeptide(L)' 
_entity_poly.nstd_linkage                   no 
_entity_poly.nstd_monomer                   yes 
_entity_poly.pdbx_seq_one_letter_code       '(ACE)V(AIB)(AIB)(AIB)VGL(AIB)(AIB)(HYP)Q(DIV)(HYP)(AIB)(PHL)' 
_entity_poly.pdbx_seq_one_letter_code_can   XVAAAVGLAAPQVPAF 
_entity_poly.pdbx_strand_id                 A 
_entity_poly.pdbx_target_identifier         ? 
# 
_pdbx_entity_nonpoly.entity_id   2 
_pdbx_entity_nonpoly.name        water 
_pdbx_entity_nonpoly.comp_id     HOH 
# 
loop_
_entity_poly_seq.entity_id 
_entity_poly_seq.num 
_entity_poly_seq.mon_id 
_entity_poly_seq.hetero 
1 1  ACE n 
1 2  VAL n 
1 3  AIB n 
1 4  AIB n 
1 5  AIB n 
1 6  VAL n 
1 7  GLY n 
1 8  LEU n 
1 9  AIB n 
1 10 AIB n 
1 11 HYP n 
1 12 GLN n 
1 13 DIV n 
1 14 HYP n 
1 15 AIB n 
1 16 PHL n 
# 
_entity_src_nat.entity_id                  1 
_entity_src_nat.pdbx_src_id                1 
_entity_src_nat.pdbx_alt_source_flag       sample 
_entity_src_nat.pdbx_beg_seq_num           1 
_entity_src_nat.pdbx_end_seq_num           16 
_entity_src_nat.common_name                ? 
_entity_src_nat.pdbx_organism_scientific   'Emericellopsis donezkii' 
_entity_src_nat.pdbx_ncbi_taxonomy_id      281368 
_entity_src_nat.genus                      ? 
_entity_src_nat.species                    ? 
_entity_src_nat.strain                     ? 
_entity_src_nat.tissue                     ? 
_entity_src_nat.tissue_fraction            ? 
_entity_src_nat.pdbx_secretion             ? 
_entity_src_nat.pdbx_fragment              ? 
_entity_src_nat.pdbx_variant               ? 
_entity_src_nat.pdbx_cell_line             ? 
_entity_src_nat.pdbx_atcc                  ? 
_entity_src_nat.pdbx_cellular_location     ? 
_entity_src_nat.pdbx_organ                 ? 
_entity_src_nat.pdbx_organelle             ? 
_entity_src_nat.pdbx_cell                  ? 
_entity_src_nat.pdbx_plasmid_name          ? 
_entity_src_nat.pdbx_plasmid_details       ? 
_entity_src_nat.details                    ? 
# 
loop_
_chem_comp.id 
_chem_comp.type 
_chem_comp.mon_nstd_flag 
_chem_comp.name 
_chem_comp.pdbx_synonyms 
_chem_comp.formula 
_chem_comp.formula_weight 
ACE non-polymer         . 'ACETYL GROUP'               ?                              'C2 H4 O'      44.053  
AIB 'L-peptide linking' n 'ALPHA-AMINOISOBUTYRIC ACID' ?                              'C4 H9 N O2'   103.120 
DIV 'D-peptide linking' . D-ISOVALINE                  ?                              'C5 H11 N O2'  117.146 
GLN 'L-peptide linking' y GLUTAMINE                    ?                              'C5 H10 N2 O3' 146.144 
GLY 'peptide linking'   y GLYCINE                      ?                              'C2 H5 N O2'   75.067  
HOH non-polymer         . WATER                        ?                              'H2 O'         18.015  
HYP 'L-peptide linking' n 4-HYDROXYPROLINE             HYDROXYPROLINE                 'C5 H9 N O3'   131.130 
LEU 'L-peptide linking' y LEUCINE                      ?                              'C6 H13 N O2'  131.173 
PHL 'L-peptide linking' n L-PHENYLALANINOL             'bound form of Phenylalaninal' 'C9 H13 N O'   151.206 
VAL 'L-peptide linking' y VALINE                       ?                              'C5 H11 N O2'  117.146 
# 
loop_
_pdbx_poly_seq_scheme.asym_id 
_pdbx_poly_seq_scheme.entity_id 
_pdbx_poly_seq_scheme.seq_id 
_pdbx_poly_seq_scheme.mon_id 
_pdbx_poly_seq_scheme.ndb_seq_num 
_pdbx_poly_seq_scheme.pdb_seq_num 
_pdbx_poly_seq_scheme.auth_seq_num 
_pdbx_poly_seq_scheme.pdb_mon_id 
_pdbx_poly_seq_scheme.auth_mon_id 
_pdbx_poly_seq_scheme.pdb_strand_id 
_pdbx_poly_seq_scheme.pdb_ins_code 
_pdbx_poly_seq_scheme.hetero 
A 1 1  ACE 1  0  0  ACE ACE A . n 
A 1 2  VAL 2  1  1  VAL VAL A . n 
A 1 3  AIB 3  2  2  AIB AIB A . n 
A 1 4  AIB 4  3  3  AIB AIB A . n 
A 1 5  AIB 5  4  4  AIB AIB A . n 
A 1 6  VAL 6  5  5  VAL VAL A . n 
A 1 7  GLY 7  6  6  GLY GLY A . n 
A 1 8  LEU 8  7  7  LEU LEU A . n 
A 1 9  AIB 9  8  8  AIB AIB A . n 
A 1 10 AIB 10 9  9  AIB AIB A . n 
A 1 11 HYP 11 10 10 HYP HYP A . n 
A 1 12 GLN 12 11 11 GLN GLN A . n 
A 1 13 DIV 13 12 12 DIV DIV A . n 
A 1 14 HYP 14 13 13 HYP HYP A . n 
A 1 15 AIB 15 14 14 AIB AIB A . n 
A 1 16 PHL 16 15 15 PHL PHL A . n 
# 
_pdbx_nonpoly_scheme.asym_id         B 
_pdbx_nonpoly_scheme.entity_id       2 
_pdbx_nonpoly_scheme.mon_id          HOH 
_pdbx_nonpoly_scheme.ndb_seq_num     1 
_pdbx_nonpoly_scheme.pdb_seq_num     101 
_pdbx_nonpoly_scheme.auth_seq_num    16 
_pdbx_nonpoly_scheme.pdb_mon_id      HOH 
_pdbx_nonpoly_scheme.auth_mon_id     HOH 
_pdbx_nonpoly_scheme.pdb_strand_id   A 
_pdbx_nonpoly_scheme.pdb_ins_code    . 
# 
loop_
_software.citation_id 
_software.classification 
_software.compiler_name 
_software.compiler_version 
_software.contact_author 
_software.contact_author_email 
_software.date 
_software.description 
_software.dependencies 
_software.hardware 
_software.language 
_software.location 
_software.mods 
_software.name 
_software.os 
_software.os_version 
_software.type 
_software.version 
_software.pdbx_ordinal 
? refinement       ? ? ? ? ? ? ? ? ? ? ? SHELXL ? ? ? 2014/3 1 
? 'data reduction' ? ? ? ? ? ? ? ? ? ? ? XDS    ? ? ? .      2 
? phasing          ? ? ? ? ? ? ? ? ? ? ? SHELXS ? ? ? 2013/1 3 
? 'data scaling'   ? ? ? ? ? ? ? ? ? ? ? SCALA  ? ? ? .      4 
# 
_cell.angle_alpha                  90.00 
_cell.angle_alpha_esd              ? 
_cell.angle_beta                   119.72 
_cell.angle_beta_esd               ? 
_cell.angle_gamma                  90.00 
_cell.angle_gamma_esd              ? 
_cell.entry_id                     5MAS 
_cell.details                      ? 
_cell.formula_units_Z              ? 
_cell.length_a                     48.275 
_cell.length_a_esd                 ? 
_cell.length_b                     8.932 
_cell.length_b_esd                 ? 
_cell.length_c                     24.604 
_cell.length_c_esd                 ? 
_cell.volume                       ? 
_cell.volume_esd                   ? 
_cell.Z_PDB                        4 
_cell.reciprocal_angle_alpha       ? 
_cell.reciprocal_angle_beta        ? 
_cell.reciprocal_angle_gamma       ? 
_cell.reciprocal_angle_alpha_esd   ? 
_cell.reciprocal_angle_beta_esd    ? 
_cell.reciprocal_angle_gamma_esd   ? 
_cell.reciprocal_length_a          ? 
_cell.reciprocal_length_b          ? 
_cell.reciprocal_length_c          ? 
_cell.reciprocal_length_a_esd      ? 
_cell.reciprocal_length_b_esd      ? 
_cell.reciprocal_length_c_esd      ? 
_cell.pdbx_unique_axis             ? 
# 
_symmetry.entry_id                         5MAS 
_symmetry.cell_setting                     ? 
_symmetry.Int_Tables_number                5 
_symmetry.space_group_name_Hall            ? 
_symmetry.space_group_name_H-M             'C 1 2 1' 
_symmetry.pdbx_full_space_group_name_H-M   ? 
# 
_exptl.absorpt_coefficient_mu     ? 
_exptl.absorpt_correction_T_max   ? 
_exptl.absorpt_correction_T_min   ? 
_exptl.absorpt_correction_type    ? 
_exptl.absorpt_process_details    ? 
_exptl.entry_id                   5MAS 
_exptl.crystals_number            1 
_exptl.details                    ? 
_exptl.method                     'X-RAY DIFFRACTION' 
_exptl.method_details             ? 
# 
_exptl_crystal.colour                      ? 
_exptl_crystal.density_diffrn              ? 
_exptl_crystal.density_Matthews            1.53 
_exptl_crystal.density_method              ? 
_exptl_crystal.density_percent_sol         19.38 
_exptl_crystal.description                 'tiny hair' 
_exptl_crystal.F_000                       ? 
_exptl_crystal.id                          1 
_exptl_crystal.preparation                 ? 
_exptl_crystal.size_max                    ? 
_exptl_crystal.size_mid                    ? 
_exptl_crystal.size_min                    ? 
_exptl_crystal.size_rad                    ? 
_exptl_crystal.colour_lustre               ? 
_exptl_crystal.colour_modifier             ? 
_exptl_crystal.colour_primary              ? 
_exptl_crystal.density_meas                ? 
_exptl_crystal.density_meas_esd            ? 
_exptl_crystal.density_meas_gt             ? 
_exptl_crystal.density_meas_lt             ? 
_exptl_crystal.density_meas_temp           ? 
_exptl_crystal.density_meas_temp_esd       ? 
_exptl_crystal.density_meas_temp_gt        ? 
_exptl_crystal.density_meas_temp_lt        ? 
_exptl_crystal.pdbx_crystal_image_url      ? 
_exptl_crystal.pdbx_crystal_image_format   ? 
_exptl_crystal.pdbx_mosaicity              ? 
_exptl_crystal.pdbx_mosaicity_esd          ? 
# 
_exptl_crystal_grow.apparatus       ? 
_exptl_crystal_grow.atmosphere      ? 
_exptl_crystal_grow.crystal_id      1 
_exptl_crystal_grow.details         ? 
_exptl_crystal_grow.method          EVAPORATION 
_exptl_crystal_grow.method_ref      ? 
_exptl_crystal_grow.pH              ? 
_exptl_crystal_grow.pressure        ? 
_exptl_crystal_grow.pressure_esd    ? 
_exptl_crystal_grow.seeding         ? 
_exptl_crystal_grow.seeding_ref     ? 
_exptl_crystal_grow.temp            293 
_exptl_crystal_grow.temp_details    ? 
_exptl_crystal_grow.temp_esd        ? 
_exptl_crystal_grow.time            ? 
_exptl_crystal_grow.pdbx_details    methanol/water 
_exptl_crystal_grow.pdbx_pH_range   ? 
# 
_diffrn.ambient_environment    ? 
_diffrn.ambient_temp           100 
_diffrn.ambient_temp_details   ? 
_diffrn.ambient_temp_esd       ? 
_diffrn.crystal_id             1 
_diffrn.crystal_support        ? 
_diffrn.crystal_treatment      ? 
_diffrn.details                ? 
_diffrn.id                     1 
_diffrn.ambient_pressure       ? 
_diffrn.ambient_pressure_esd   ? 
_diffrn.ambient_pressure_gt    ? 
_diffrn.ambient_pressure_lt    ? 
_diffrn.ambient_temp_gt        ? 
_diffrn.ambient_temp_lt        ? 
# 
_diffrn_detector.details                      ? 
_diffrn_detector.detector                     PIXEL 
_diffrn_detector.diffrn_id                    1 
_diffrn_detector.type                         'DECTRIS PILATUS 6M' 
_diffrn_detector.area_resol_mean              ? 
_diffrn_detector.dtime                        ? 
_diffrn_detector.pdbx_frames_total            ? 
_diffrn_detector.pdbx_collection_time_total   ? 
_diffrn_detector.pdbx_collection_date         2016-07-30 
# 
_diffrn_radiation.collimation                      ? 
_diffrn_radiation.diffrn_id                        1 
_diffrn_radiation.filter_edge                      ? 
_diffrn_radiation.inhomogeneity                    ? 
_diffrn_radiation.monochromator                    'ACCEL FIXED EXIT DOUBLE CRYSTAL' 
_diffrn_radiation.polarisn_norm                    ? 
_diffrn_radiation.polarisn_ratio                   ? 
_diffrn_radiation.probe                            ? 
_diffrn_radiation.type                             ? 
_diffrn_radiation.xray_symbol                      ? 
_diffrn_radiation.wavelength_id                    1 
_diffrn_radiation.pdbx_monochromatic_or_laue_m_l   M 
_diffrn_radiation.pdbx_wavelength_list             ? 
_diffrn_radiation.pdbx_wavelength                  ? 
_diffrn_radiation.pdbx_diffrn_protocol             'SINGLE WAVELENGTH' 
_diffrn_radiation.pdbx_analyzer                    ? 
_diffrn_radiation.pdbx_scattering_type             x-ray 
# 
_diffrn_radiation_wavelength.id           1 
_diffrn_radiation_wavelength.wavelength   0.7293 
_diffrn_radiation_wavelength.wt           1.0 
# 
_diffrn_source.current                     ? 
_diffrn_source.details                     ? 
_diffrn_source.diffrn_id                   1 
_diffrn_source.power                       ? 
_diffrn_source.size                        ? 
_diffrn_source.source                      SYNCHROTRON 
_diffrn_source.target                      ? 
_diffrn_source.type                        'DIAMOND BEAMLINE I24' 
_diffrn_source.voltage                     ? 
_diffrn_source.take-off_angle              ? 
_diffrn_source.pdbx_wavelength_list        0.7293 
_diffrn_source.pdbx_wavelength             ? 
_diffrn_source.pdbx_synchrotron_beamline   I24 
_diffrn_source.pdbx_synchrotron_site       Diamond 
# 
_reflns.B_iso_Wilson_estimate            ? 
_reflns.entry_id                         5MAS 
_reflns.data_reduction_details           ? 
_reflns.data_reduction_method            ? 
_reflns.d_resolution_high                0.840 
_reflns.d_resolution_low                 30.000 
_reflns.details                          ? 
_reflns.limit_h_max                      ? 
_reflns.limit_h_min                      ? 
_reflns.limit_k_max                      ? 
_reflns.limit_k_min                      ? 
_reflns.limit_l_max                      ? 
_reflns.limit_l_min                      ? 
_reflns.number_all                       ? 
_reflns.number_obs                       12250 
_reflns.observed_criterion               ? 
_reflns.observed_criterion_F_max         ? 
_reflns.observed_criterion_F_min         ? 
_reflns.observed_criterion_I_max         ? 
_reflns.observed_criterion_I_min         ? 
_reflns.observed_criterion_sigma_F       ? 
_reflns.observed_criterion_sigma_I       ? 
_reflns.percent_possible_obs             84.3 
_reflns.R_free_details                   ? 
_reflns.Rmerge_F_all                     ? 
_reflns.Rmerge_F_obs                     ? 
_reflns.Friedel_coverage                 ? 
_reflns.number_gt                        ? 
_reflns.threshold_expression             ? 
_reflns.pdbx_redundancy                  1.650 
_reflns.pdbx_Rmerge_I_obs                0.09500 
_reflns.pdbx_Rmerge_I_all                ? 
_reflns.pdbx_Rsym_value                  0.09000 
_reflns.pdbx_netI_over_av_sigmaI         ? 
_reflns.pdbx_netI_over_sigmaI            4.7000 
_reflns.pdbx_res_netI_over_av_sigmaI_2   ? 
_reflns.pdbx_res_netI_over_sigmaI_2      ? 
_reflns.pdbx_chi_squared                 ? 
_reflns.pdbx_scaling_rejects             ? 
_reflns.pdbx_d_res_high_opt              ? 
_reflns.pdbx_d_res_low_opt               ? 
_reflns.pdbx_d_res_opt_method            ? 
_reflns.phase_calculation_details        ? 
_reflns.pdbx_Rrim_I_all                  ? 
_reflns.pdbx_Rpim_I_all                  ? 
_reflns.pdbx_d_opt                       ? 
_reflns.pdbx_number_measured_all         ? 
_reflns.pdbx_diffrn_id                   1 
_reflns.pdbx_ordinal                     1 
_reflns.pdbx_CC_half                     ? 
_reflns.pdbx_R_split                     ? 
# 
_reflns_shell.d_res_high                  0.84 
_reflns_shell.d_res_low                   0.94 
_reflns_shell.meanI_over_sigI_all         ? 
_reflns_shell.meanI_over_sigI_obs         1.720 
_reflns_shell.number_measured_all         ? 
_reflns_shell.number_measured_obs         ? 
_reflns_shell.number_possible             ? 
_reflns_shell.number_unique_all           ? 
_reflns_shell.number_unique_obs           ? 
_reflns_shell.percent_possible_all        52.8 
_reflns_shell.percent_possible_obs        ? 
_reflns_shell.Rmerge_F_all                ? 
_reflns_shell.Rmerge_F_obs                ? 
_reflns_shell.Rmerge_I_all                ? 
_reflns_shell.Rmerge_I_obs                0.35000 
_reflns_shell.meanI_over_sigI_gt          ? 
_reflns_shell.meanI_over_uI_all           ? 
_reflns_shell.meanI_over_uI_gt            ? 
_reflns_shell.number_measured_gt          ? 
_reflns_shell.number_unique_gt            ? 
_reflns_shell.percent_possible_gt         ? 
_reflns_shell.Rmerge_F_gt                 ? 
_reflns_shell.Rmerge_I_gt                 ? 
_reflns_shell.pdbx_redundancy             0.94 
_reflns_shell.pdbx_Rsym_value             ? 
_reflns_shell.pdbx_chi_squared            ? 
_reflns_shell.pdbx_netI_over_sigmaI_all   ? 
_reflns_shell.pdbx_netI_over_sigmaI_obs   ? 
_reflns_shell.pdbx_Rrim_I_all             ? 
_reflns_shell.pdbx_Rpim_I_all             ? 
_reflns_shell.pdbx_rejects                ? 
_reflns_shell.pdbx_ordinal                1 
_reflns_shell.pdbx_diffrn_id              1 
_reflns_shell.pdbx_CC_half                ? 
_reflns_shell.pdbx_R_split                ? 
# 
_refine.aniso_B[1][1]                            ? 
_refine.aniso_B[1][2]                            ? 
_refine.aniso_B[1][3]                            ? 
_refine.aniso_B[2][2]                            ? 
_refine.aniso_B[2][3]                            ? 
_refine.aniso_B[3][3]                            ? 
_refine.B_iso_max                                ? 
_refine.B_iso_mean                               ? 
_refine.B_iso_min                                ? 
_refine.correlation_coeff_Fo_to_Fc               ? 
_refine.correlation_coeff_Fo_to_Fc_free          ? 
_refine.details                                  ? 
_refine.diff_density_max                         ? 
_refine.diff_density_max_esd                     ? 
_refine.diff_density_min                         ? 
_refine.diff_density_min_esd                     ? 
_refine.diff_density_rms                         ? 
_refine.diff_density_rms_esd                     ? 
_refine.entry_id                                 5MAS 
_refine.pdbx_refine_id                           'X-RAY DIFFRACTION' 
_refine.ls_abs_structure_details                 ? 
_refine.ls_abs_structure_Flack                   ? 
_refine.ls_abs_structure_Flack_esd               ? 
_refine.ls_abs_structure_Rogers                  ? 
_refine.ls_abs_structure_Rogers_esd              ? 
_refine.ls_d_res_high                            0.84 
_refine.ls_d_res_low                             30.00 
_refine.ls_extinction_coef                       ? 
_refine.ls_extinction_coef_esd                   ? 
_refine.ls_extinction_expression                 ? 
_refine.ls_extinction_method                     ? 
_refine.ls_goodness_of_fit_all                   ? 
_refine.ls_goodness_of_fit_all_esd               ? 
_refine.ls_goodness_of_fit_obs                   ? 
_refine.ls_goodness_of_fit_obs_esd               ? 
_refine.ls_hydrogen_treatment                    ? 
_refine.ls_matrix_type                           ? 
_refine.ls_number_constraints                    ? 
_refine.ls_number_parameters                     985 
_refine.ls_number_reflns_all                     12250 
_refine.ls_number_reflns_obs                     11590 
_refine.ls_number_reflns_R_free                  660 
_refine.ls_number_reflns_R_work                  ? 
_refine.ls_number_restraints                     1 
_refine.ls_percent_reflns_obs                    84.3 
_refine.ls_percent_reflns_R_free                 5.000 
_refine.ls_R_factor_all                          0.104 
_refine.ls_R_factor_obs                          0.103 
_refine.ls_R_factor_R_free                       0.131 
_refine.ls_R_factor_R_free_error                 ? 
_refine.ls_R_factor_R_free_error_details         ? 
_refine.ls_R_factor_R_work                       ? 
_refine.ls_R_Fsqd_factor_obs                     ? 
_refine.ls_R_I_factor_obs                        ? 
_refine.ls_redundancy_reflns_all                 ? 
_refine.ls_redundancy_reflns_obs                 ? 
_refine.ls_restrained_S_all                      ? 
_refine.ls_restrained_S_obs                      ? 
_refine.ls_shift_over_esd_max                    ? 
_refine.ls_shift_over_esd_mean                   ? 
_refine.ls_structure_factor_coef                 ? 
_refine.ls_weighting_details                     ? 
_refine.ls_weighting_scheme                      ? 
_refine.ls_wR_factor_all                         ? 
_refine.ls_wR_factor_obs                         ? 
_refine.ls_wR_factor_R_free                      ? 
_refine.ls_wR_factor_R_work                      ? 
_refine.occupancy_max                            ? 
_refine.occupancy_min                            ? 
_refine.solvent_model_details                    'PLATON SQUEEZE' 
_refine.solvent_model_param_bsol                 ? 
_refine.solvent_model_param_ksol                 ? 
_refine.ls_R_factor_gt                           ? 
_refine.ls_goodness_of_fit_gt                    ? 
_refine.ls_goodness_of_fit_ref                   ? 
_refine.ls_shift_over_su_max                     ? 
_refine.ls_shift_over_su_max_lt                  ? 
_refine.ls_shift_over_su_mean                    ? 
_refine.ls_shift_over_su_mean_lt                 ? 
_refine.pdbx_ls_sigma_I                          ? 
_refine.pdbx_ls_sigma_F                          ? 
_refine.pdbx_ls_sigma_Fsqd                       ? 
_refine.pdbx_data_cutoff_high_absF               ? 
_refine.pdbx_data_cutoff_high_rms_absF           ? 
_refine.pdbx_data_cutoff_low_absF                ? 
_refine.pdbx_isotropic_thermal_model             ? 
_refine.pdbx_ls_cross_valid_method               'FREE R-VALUE' 
_refine.pdbx_method_to_determine_struct          'AB INITIO PHASING' 
_refine.pdbx_starting_model                      ? 
_refine.pdbx_stereochemistry_target_values       'ENGH & HUBER' 
_refine.pdbx_R_Free_selection_details            'THIN RESOLUTION SHELLS' 
_refine.pdbx_stereochem_target_val_spec_case     ? 
_refine.pdbx_overall_ESU_R                       ? 
_refine.pdbx_overall_ESU_R_Free                  ? 
_refine.pdbx_solvent_vdw_probe_radii             ? 
_refine.pdbx_solvent_ion_probe_radii             ? 
_refine.pdbx_solvent_shrinkage_radii             ? 
_refine.pdbx_real_space_R                        ? 
_refine.pdbx_density_correlation                 ? 
_refine.pdbx_pd_number_of_powder_patterns        ? 
_refine.pdbx_pd_number_of_points                 ? 
_refine.pdbx_pd_meas_number_of_points            ? 
_refine.pdbx_pd_proc_ls_prof_R_factor            ? 
_refine.pdbx_pd_proc_ls_prof_wR_factor           ? 
_refine.pdbx_pd_Marquardt_correlation_coeff      ? 
_refine.pdbx_pd_Fsqrd_R_factor                   ? 
_refine.pdbx_pd_ls_matrix_band_width             ? 
_refine.pdbx_overall_phase_error                 ? 
_refine.pdbx_overall_SU_R_free_Cruickshank_DPI   ? 
_refine.pdbx_overall_SU_R_free_Blow_DPI          ? 
_refine.pdbx_overall_SU_R_Blow_DPI               ? 
_refine.pdbx_TLS_residual_ADP_flag               ? 
_refine.pdbx_diffrn_id                           1 
_refine.overall_SU_B                             ? 
_refine.overall_SU_ML                            ? 
_refine.overall_SU_R_Cruickshank_DPI             ? 
_refine.overall_SU_R_free                        ? 
_refine.overall_FOM_free_R_set                   ? 
_refine.overall_FOM_work_R_set                   ? 
_refine.pdbx_average_fsc_overall                 ? 
_refine.pdbx_average_fsc_work                    ? 
_refine.pdbx_average_fsc_free                    ? 
# 
_refine_analyze.entry_id                        5MAS 
_refine_analyze.pdbx_refine_id                  'X-RAY DIFFRACTION' 
_refine_analyze.Luzzati_coordinate_error_free   ? 
_refine_analyze.Luzzati_coordinate_error_obs    ? 
_refine_analyze.Luzzati_d_res_low_free          ? 
_refine_analyze.Luzzati_d_res_low_obs           ? 
_refine_analyze.Luzzati_sigma_a_free            ? 
_refine_analyze.Luzzati_sigma_a_free_details    ? 
_refine_analyze.Luzzati_sigma_a_obs             ? 
_refine_analyze.Luzzati_sigma_a_obs_details     ? 
_refine_analyze.number_disordered_residues      ? 
_refine_analyze.occupancy_sum_hydrogen          120.00 
_refine_analyze.occupancy_sum_non_hydrogen      108.5 
_refine_analyze.RG_d_res_high                   ? 
_refine_analyze.RG_d_res_low                    ? 
_refine_analyze.RG_free                         ? 
_refine_analyze.RG_work                         ? 
_refine_analyze.RG_free_work_ratio              ? 
_refine_analyze.pdbx_Luzzati_d_res_high_obs     ? 
# 
_refine_hist.pdbx_refine_id                   'X-RAY DIFFRACTION' 
_refine_hist.cycle_id                         LAST 
_refine_hist.pdbx_number_atoms_protein        108 
_refine_hist.pdbx_number_atoms_nucleic_acid   0 
_refine_hist.pdbx_number_atoms_ligand         0 
_refine_hist.number_atoms_solvent             1 
_refine_hist.number_atoms_total               109 
_refine_hist.d_res_high                       0.84 
_refine_hist.d_res_low                        30.00 
# 
_pdbx_refine.pdbx_refine_id                              'X-RAY DIFFRACTION' 
_pdbx_refine.entry_id                                    5MAS 
_pdbx_refine.R_factor_all_no_cutoff                      0.104 
_pdbx_refine.R_factor_obs_no_cutoff                      0.103 
_pdbx_refine.free_R_factor_no_cutoff                     0.131 
_pdbx_refine.free_R_error_no_cutoff                      ? 
_pdbx_refine.free_R_val_test_set_size_perc_no_cutoff     5.000 
_pdbx_refine.free_R_val_test_set_ct_no_cutoff            660 
_pdbx_refine.R_factor_all_4sig_cutoff                    0.068 
_pdbx_refine.R_factor_obs_4sig_cutoff                    0.067 
_pdbx_refine.free_R_factor_4sig_cutoff                   0.088 
_pdbx_refine.free_R_val_test_set_size_perc_4sig_cutoff   5.000 
_pdbx_refine.free_R_val_test_set_ct_4sig_cutoff          444 
_pdbx_refine.number_reflns_obs_4sig_cutoff               7756 
# 
_struct.entry_id                     5MAS 
_struct.title                        'Peptaibol Bergofungin A' 
_struct.pdbx_model_details           ? 
_struct.pdbx_formula_weight          ? 
_struct.pdbx_formula_weight_method   ? 
_struct.pdbx_model_type_details      ? 
_struct.pdbx_CASP_flag               N 
# 
_struct_keywords.entry_id        5MAS 
_struct_keywords.text            '3(10)-helix, peptaibols, antibiotic peptides, alpha-helix, antibiotic' 
_struct_keywords.pdbx_keywords   ANTIBIOTIC 
# 
loop_
_struct_asym.id 
_struct_asym.pdbx_blank_PDB_chainid_flag 
_struct_asym.pdbx_modified 
_struct_asym.entity_id 
_struct_asym.details 
A N N 1 ? 
B N N 2 ? 
# 
_struct_ref.id                         1 
_struct_ref.db_name                    PDB 
_struct_ref.db_code                    5MAS 
_struct_ref.pdbx_db_accession          5MAS 
_struct_ref.pdbx_db_isoform            ? 
_struct_ref.entity_id                  1 
_struct_ref.pdbx_seq_one_letter_code   ? 
_struct_ref.pdbx_align_begin           1 
# 
_struct_ref_seq.align_id                      1 
_struct_ref_seq.ref_id                        1 
_struct_ref_seq.pdbx_PDB_id_code              5MAS 
_struct_ref_seq.pdbx_strand_id                A 
_struct_ref_seq.seq_align_beg                 1 
_struct_ref_seq.pdbx_seq_align_beg_ins_code   ? 
_struct_ref_seq.seq_align_end                 16 
_struct_ref_seq.pdbx_seq_align_end_ins_code   ? 
_struct_ref_seq.pdbx_db_accession             5MAS 
_struct_ref_seq.db_align_beg                  0 
_struct_ref_seq.pdbx_db_align_beg_ins_code    ? 
_struct_ref_seq.db_align_end                  15 
_struct_ref_seq.pdbx_db_align_end_ins_code    ? 
_struct_ref_seq.pdbx_auth_seq_align_beg       0 
_struct_ref_seq.pdbx_auth_seq_align_end       15 
# 
_pdbx_struct_assembly.id                   1 
_pdbx_struct_assembly.details              author_and_software_defined_assembly 
_pdbx_struct_assembly.method_details       PISA 
_pdbx_struct_assembly.oligomeric_details   monomeric 
_pdbx_struct_assembly.oligomeric_count     1 
# 
loop_
_pdbx_struct_assembly_prop.biol_id 
_pdbx_struct_assembly_prop.type 
_pdbx_struct_assembly_prop.value 
_pdbx_struct_assembly_prop.details 
1 'ABSA (A^2)' 90   ? 
1 MORE         -1   ? 
1 'SSA (A^2)'  1600 ? 
# 
_pdbx_struct_assembly_gen.assembly_id       1 
_pdbx_struct_assembly_gen.oper_expression   1 
_pdbx_struct_assembly_gen.asym_id_list      A,B 
# 
_pdbx_struct_oper_list.id                   1 
_pdbx_struct_oper_list.type                 'identity operation' 
_pdbx_struct_oper_list.name                 1_555 
_pdbx_struct_oper_list.symmetry_operation   x,y,z 
_pdbx_struct_oper_list.matrix[1][1]         1.0000000000 
_pdbx_struct_oper_list.matrix[1][2]         0.0000000000 
_pdbx_struct_oper_list.matrix[1][3]         0.0000000000 
_pdbx_struct_oper_list.vector[1]            0.0000000000 
_pdbx_struct_oper_list.matrix[2][1]         0.0000000000 
_pdbx_struct_oper_list.matrix[2][2]         1.0000000000 
_pdbx_struct_oper_list.matrix[2][3]         0.0000000000 
_pdbx_struct_oper_list.vector[2]            0.0000000000 
_pdbx_struct_oper_list.matrix[3][1]         0.0000000000 
_pdbx_struct_oper_list.matrix[3][2]         0.0000000000 
_pdbx_struct_oper_list.matrix[3][3]         1.0000000000 
_pdbx_struct_oper_list.vector[3]            0.0000000000 
# 
loop_
_struct_conf.conf_type_id 
_struct_conf.id 
_struct_conf.pdbx_PDB_helix_id 
_struct_conf.beg_label_comp_id 
_struct_conf.beg_label_asym_id 
_struct_conf.beg_label_seq_id 
_struct_conf.pdbx_beg_PDB_ins_code 
_struct_conf.end_label_comp_id 
_struct_conf.end_label_asym_id 
_struct_conf.end_label_seq_id 
_struct_conf.pdbx_end_PDB_ins_code 
_struct_conf.beg_auth_comp_id 
_struct_conf.beg_auth_asym_id 
_struct_conf.beg_auth_seq_id 
_struct_conf.end_auth_comp_id 
_struct_conf.end_auth_asym_id 
_struct_conf.end_auth_seq_id 
_struct_conf.pdbx_PDB_helix_class 
_struct_conf.details 
_struct_conf.pdbx_PDB_helix_length 
HELX_P HELX_P1 AA1 VAL A 2  ? HYP A 11 ? VAL A 1  HYP A 10 1 ? 10 
HELX_P HELX_P2 AA2 GLN A 12 ? PHL A 16 ? GLN A 11 PHL A 15 5 ? 5  
# 
_struct_conf_type.id          HELX_P 
_struct_conf_type.criteria    ? 
_struct_conf_type.reference   ? 
# 
loop_
_struct_conn.id 
_struct_conn.conn_type_id 
_struct_conn.pdbx_leaving_atom_flag 
_struct_conn.pdbx_PDB_id 
_struct_conn.ptnr1_label_asym_id 
_struct_conn.ptnr1_label_comp_id 
_struct_conn.ptnr1_label_seq_id 
_struct_conn.ptnr1_label_atom_id 
_struct_conn.pdbx_ptnr1_label_alt_id 
_struct_conn.pdbx_ptnr1_PDB_ins_code 
_struct_conn.pdbx_ptnr1_standard_comp_id 
_struct_conn.ptnr1_symmetry 
_struct_conn.ptnr2_label_asym_id 
_struct_conn.ptnr2_label_comp_id 
_struct_conn.ptnr2_label_seq_id 
_struct_conn.ptnr2_label_atom_id 
_struct_conn.pdbx_ptnr2_label_alt_id 
_struct_conn.pdbx_ptnr2_PDB_ins_code 
_struct_conn.ptnr1_auth_asym_id 
_struct_conn.ptnr1_auth_comp_id 
_struct_conn.ptnr1_auth_seq_id 
_struct_conn.ptnr2_auth_asym_id 
_struct_conn.ptnr2_auth_comp_id 
_struct_conn.ptnr2_auth_seq_id 
_struct_conn.ptnr2_symmetry 
_struct_conn.pdbx_ptnr3_label_atom_id 
_struct_conn.pdbx_ptnr3_label_seq_id 
_struct_conn.pdbx_ptnr3_label_comp_id 
_struct_conn.pdbx_ptnr3_label_asym_id 
_struct_conn.pdbx_ptnr3_label_alt_id 
_struct_conn.pdbx_ptnr3_PDB_ins_code 
_struct_conn.details 
_struct_conn.pdbx_dist_value 
_struct_conn.pdbx_value_order 
_struct_conn.pdbx_role 
covale1  covale both ? A ACE 1  C ? ? ? 1_555 A VAL 2  N ? ? A ACE 0  A VAL 1  1_555 ? ? ? ? ? ? ? 1.336 ? ? 
covale2  covale both ? A VAL 2  C ? ? ? 1_555 A AIB 3  N ? ? A VAL 1  A AIB 2  1_555 ? ? ? ? ? ? ? 1.335 ? ? 
covale3  covale both ? A AIB 3  C ? ? ? 1_555 A AIB 4  N ? ? A AIB 2  A AIB 3  1_555 ? ? ? ? ? ? ? 1.327 ? ? 
covale4  covale both ? A AIB 4  C ? ? ? 1_555 A AIB 5  N ? ? A AIB 3  A AIB 4  1_555 ? ? ? ? ? ? ? 1.338 ? ? 
covale5  covale both ? A AIB 5  C ? ? ? 1_555 A VAL 6  N ? ? A AIB 4  A VAL 5  1_555 ? ? ? ? ? ? ? 1.353 ? ? 
covale6  covale both ? A LEU 8  C ? ? ? 1_555 A AIB 9  N ? ? A LEU 7  A AIB 8  1_555 ? ? ? ? ? ? ? 1.355 ? ? 
covale7  covale both ? A AIB 9  C ? ? ? 1_555 A AIB 10 N ? ? A AIB 8  A AIB 9  1_555 ? ? ? ? ? ? ? 1.349 ? ? 
covale8  covale both ? A AIB 10 C ? ? ? 1_555 A HYP 11 N ? ? A AIB 9  A HYP 10 1_555 ? ? ? ? ? ? ? 1.346 ? ? 
covale9  covale both ? A HYP 11 C ? ? ? 1_555 A GLN 12 N ? ? A HYP 10 A GLN 11 1_555 ? ? ? ? ? ? ? 1.359 ? ? 
covale10 covale both ? A GLN 12 C ? ? ? 1_555 A DIV 13 N ? ? A GLN 11 A DIV 12 1_555 ? ? ? ? ? ? ? 1.329 ? ? 
covale11 covale both ? A DIV 13 C ? ? ? 1_555 A HYP 14 N ? ? A DIV 12 A HYP 13 1_555 ? ? ? ? ? ? ? 1.350 ? ? 
covale12 covale both ? A HYP 14 C ? ? ? 1_555 A AIB 15 N ? ? A HYP 13 A AIB 14 1_555 ? ? ? ? ? ? ? 1.354 ? ? 
covale13 covale both ? A AIB 15 C ? ? ? 1_555 A PHL 16 N ? ? A AIB 14 A PHL 15 1_555 ? ? ? ? ? ? ? 1.318 ? ? 
# 
_struct_conn_type.id          covale 
_struct_conn_type.criteria    ? 
_struct_conn_type.reference   ? 
# 
loop_
_pdbx_modification_feature.ordinal 
_pdbx_modification_feature.label_comp_id 
_pdbx_modification_feature.label_asym_id 
_pdbx_modification_feature.label_seq_id 
_pdbx_modification_feature.label_alt_id 
_pdbx_modification_feature.modified_residue_label_comp_id 
_pdbx_modification_feature.modified_residue_label_asym_id 
_pdbx_modification_feature.modified_residue_label_seq_id 
_pdbx_modification_feature.modified_residue_label_alt_id 
_pdbx_modification_feature.auth_comp_id 
_pdbx_modification_feature.auth_asym_id 
_pdbx_modification_feature.auth_seq_id 
_pdbx_modification_feature.PDB_ins_code 
_pdbx_modification_feature.symmetry 
_pdbx_modification_feature.modified_residue_auth_comp_id 
_pdbx_modification_feature.modified_residue_auth_asym_id 
_pdbx_modification_feature.modified_residue_auth_seq_id 
_pdbx_modification_feature.modified_residue_PDB_ins_code 
_pdbx_modification_feature.modified_residue_symmetry 
_pdbx_modification_feature.comp_id_linking_atom 
_pdbx_modification_feature.modified_residue_id_linking_atom 
_pdbx_modification_feature.modified_residue_id 
_pdbx_modification_feature.ref_pcm_id 
_pdbx_modification_feature.ref_comp_id 
_pdbx_modification_feature.type 
_pdbx_modification_feature.category 
1  AIB A 3  ? .   . . . AIB A 2  ? 1_555 .   . . . .     . . ALA 1 AIB Methylation   'Named protein modification' 
2  AIB A 4  ? .   . . . AIB A 3  ? 1_555 .   . . . .     . . ALA 1 AIB Methylation   'Named protein modification' 
3  AIB A 5  ? .   . . . AIB A 4  ? 1_555 .   . . . .     . . ALA 1 AIB Methylation   'Named protein modification' 
4  AIB A 9  ? .   . . . AIB A 8  ? 1_555 .   . . . .     . . ALA 1 AIB Methylation   'Named protein modification' 
5  AIB A 10 ? .   . . . AIB A 9  ? 1_555 .   . . . .     . . ALA 1 AIB Methylation   'Named protein modification' 
6  HYP A 11 ? .   . . . HYP A 10 ? 1_555 .   . . . .     . . PRO 1 HYP Hydroxylation 'Named protein modification' 
7  HYP A 14 ? .   . . . HYP A 13 ? 1_555 .   . . . .     . . PRO 1 HYP Hydroxylation 'Named protein modification' 
8  AIB A 15 ? .   . . . AIB A 14 ? 1_555 .   . . . .     . . ALA 1 AIB Methylation   'Named protein modification' 
9  PHL A 16 ? .   . . . PHL A 15 ? 1_555 .   . . . .     . . PHE 1 PHL Deoxidation   'Named protein modification' 
10 DIV A 13 ? .   . . . DIV A 12 ? 1_555 .   . . . .     . . ?   1 DIV None          'Non-standard residue'       
11 ACE A 1  ? VAL A 2 ? ACE A 0  ? 1_555 VAL A 1 ? 1_555 . . VAL 2 ACE None          'Terminal acetylation'       
# 
_pdbx_entry_details.entry_id                   5MAS 
_pdbx_entry_details.compound_details           ? 
_pdbx_entry_details.source_details             ? 
_pdbx_entry_details.nonpolymer_details         ? 
_pdbx_entry_details.sequence_details           ? 
_pdbx_entry_details.has_ligand_of_interest     ? 
_pdbx_entry_details.has_protein_modification   Y 
# 
loop_
_chem_comp_atom.comp_id 
_chem_comp_atom.atom_id 
_chem_comp_atom.type_symbol 
_chem_comp_atom.pdbx_aromatic_flag 
_chem_comp_atom.pdbx_stereo_config 
_chem_comp_atom.pdbx_ordinal 
ACE C    C N N 1   
ACE O    O N N 2   
ACE CH3  C N N 3   
ACE H    H N N 4   
ACE H1   H N N 5   
ACE H2   H N N 6   
ACE H3   H N N 7   
AIB N    N N N 8   
AIB CA   C N N 9   
AIB C    C N N 10  
AIB O    O N N 11  
AIB OXT  O N N 12  
AIB CB1  C N N 13  
AIB CB2  C N N 14  
AIB H    H N N 15  
AIB H2   H N N 16  
AIB HXT  H N N 17  
AIB HB11 H N N 18  
AIB HB12 H N N 19  
AIB HB13 H N N 20  
AIB HB21 H N N 21  
AIB HB22 H N N 22  
AIB HB23 H N N 23  
DIV N    N N N 24  
DIV CA   C N R 25  
DIV CB1  C N N 26  
DIV CG1  C N N 27  
DIV CB2  C N N 28  
DIV C    C N N 29  
DIV O    O N N 30  
DIV OXT  O N N 31  
DIV H    H N N 32  
DIV H2   H N N 33  
DIV HB11 H N N 34  
DIV HB12 H N N 35  
DIV HG11 H N N 36  
DIV HG12 H N N 37  
DIV HG13 H N N 38  
DIV HB21 H N N 39  
DIV HB22 H N N 40  
DIV HB23 H N N 41  
DIV HXT  H N N 42  
GLN N    N N N 43  
GLN CA   C N S 44  
GLN C    C N N 45  
GLN O    O N N 46  
GLN CB   C N N 47  
GLN CG   C N N 48  
GLN CD   C N N 49  
GLN OE1  O N N 50  
GLN NE2  N N N 51  
GLN OXT  O N N 52  
GLN H    H N N 53  
GLN H2   H N N 54  
GLN HA   H N N 55  
GLN HB2  H N N 56  
GLN HB3  H N N 57  
GLN HG2  H N N 58  
GLN HG3  H N N 59  
GLN HE21 H N N 60  
GLN HE22 H N N 61  
GLN HXT  H N N 62  
GLY N    N N N 63  
GLY CA   C N N 64  
GLY C    C N N 65  
GLY O    O N N 66  
GLY OXT  O N N 67  
GLY H    H N N 68  
GLY H2   H N N 69  
GLY HA2  H N N 70  
GLY HA3  H N N 71  
GLY HXT  H N N 72  
HOH O    O N N 73  
HOH H1   H N N 74  
HOH H2   H N N 75  
HYP N    N N N 76  
HYP CA   C N S 77  
HYP C    C N N 78  
HYP O    O N N 79  
HYP CB   C N N 80  
HYP CG   C N R 81  
HYP CD   C N N 82  
HYP OD1  O N N 83  
HYP OXT  O N N 84  
HYP H    H N N 85  
HYP HA   H N N 86  
HYP HB2  H N N 87  
HYP HB3  H N N 88  
HYP HG   H N N 89  
HYP HD22 H N N 90  
HYP HD23 H N N 91  
HYP HD1  H N N 92  
HYP HXT  H N N 93  
LEU N    N N N 94  
LEU CA   C N S 95  
LEU C    C N N 96  
LEU O    O N N 97  
LEU CB   C N N 98  
LEU CG   C N N 99  
LEU CD1  C N N 100 
LEU CD2  C N N 101 
LEU OXT  O N N 102 
LEU H    H N N 103 
LEU H2   H N N 104 
LEU HA   H N N 105 
LEU HB2  H N N 106 
LEU HB3  H N N 107 
LEU HG   H N N 108 
LEU HD11 H N N 109 
LEU HD12 H N N 110 
LEU HD13 H N N 111 
LEU HD21 H N N 112 
LEU HD22 H N N 113 
LEU HD23 H N N 114 
LEU HXT  H N N 115 
PHL N    N N N 116 
PHL CA   C N S 117 
PHL C    C N N 118 
PHL O    O N N 119 
PHL CB   C N N 120 
PHL CG   C Y N 121 
PHL CD1  C Y N 122 
PHL CD2  C Y N 123 
PHL CE1  C Y N 124 
PHL CE2  C Y N 125 
PHL CZ   C Y N 126 
PHL H    H N N 127 
PHL H2   H N N 128 
PHL HA   H N N 129 
PHL HC1  H N N 130 
PHL HC2  H N N 131 
PHL HO   H N N 132 
PHL HB2  H N N 133 
PHL HB3  H N N 134 
PHL HD1  H N N 135 
PHL HD2  H N N 136 
PHL HE1  H N N 137 
PHL HE2  H N N 138 
PHL HZ   H N N 139 
VAL N    N N N 140 
VAL CA   C N S 141 
VAL C    C N N 142 
VAL O    O N N 143 
VAL CB   C N N 144 
VAL CG1  C N N 145 
VAL CG2  C N N 146 
VAL OXT  O N N 147 
VAL H    H N N 148 
VAL H2   H N N 149 
VAL HA   H N N 150 
VAL HB   H N N 151 
VAL HG11 H N N 152 
VAL HG12 H N N 153 
VAL HG13 H N N 154 
VAL HG21 H N N 155 
VAL HG22 H N N 156 
VAL HG23 H N N 157 
VAL HXT  H N N 158 
# 
loop_
_chem_comp_bond.comp_id 
_chem_comp_bond.atom_id_1 
_chem_comp_bond.atom_id_2 
_chem_comp_bond.value_order 
_chem_comp_bond.pdbx_aromatic_flag 
_chem_comp_bond.pdbx_stereo_config 
_chem_comp_bond.pdbx_ordinal 
ACE C   O    doub N N 1   
ACE C   CH3  sing N N 2   
ACE C   H    sing N N 3   
ACE CH3 H1   sing N N 4   
ACE CH3 H2   sing N N 5   
ACE CH3 H3   sing N N 6   
AIB N   CA   sing N N 7   
AIB N   H    sing N N 8   
AIB N   H2   sing N N 9   
AIB CA  C    sing N N 10  
AIB CA  CB1  sing N N 11  
AIB CA  CB2  sing N N 12  
AIB C   O    doub N N 13  
AIB C   OXT  sing N N 14  
AIB OXT HXT  sing N N 15  
AIB CB1 HB11 sing N N 16  
AIB CB1 HB12 sing N N 17  
AIB CB1 HB13 sing N N 18  
AIB CB2 HB21 sing N N 19  
AIB CB2 HB22 sing N N 20  
AIB CB2 HB23 sing N N 21  
DIV N   CA   sing N N 22  
DIV N   H    sing N N 23  
DIV N   H2   sing N N 24  
DIV CA  CB1  sing N N 25  
DIV CA  CB2  sing N N 26  
DIV CA  C    sing N N 27  
DIV CB1 CG1  sing N N 28  
DIV CB1 HB11 sing N N 29  
DIV CB1 HB12 sing N N 30  
DIV CG1 HG11 sing N N 31  
DIV CG1 HG12 sing N N 32  
DIV CG1 HG13 sing N N 33  
DIV CB2 HB21 sing N N 34  
DIV CB2 HB22 sing N N 35  
DIV CB2 HB23 sing N N 36  
DIV C   O    doub N N 37  
DIV C   OXT  sing N N 38  
DIV OXT HXT  sing N N 39  
GLN N   CA   sing N N 40  
GLN N   H    sing N N 41  
GLN N   H2   sing N N 42  
GLN CA  C    sing N N 43  
GLN CA  CB   sing N N 44  
GLN CA  HA   sing N N 45  
GLN C   O    doub N N 46  
GLN C   OXT  sing N N 47  
GLN CB  CG   sing N N 48  
GLN CB  HB2  sing N N 49  
GLN CB  HB3  sing N N 50  
GLN CG  CD   sing N N 51  
GLN CG  HG2  sing N N 52  
GLN CG  HG3  sing N N 53  
GLN CD  OE1  doub N N 54  
GLN CD  NE2  sing N N 55  
GLN NE2 HE21 sing N N 56  
GLN NE2 HE22 sing N N 57  
GLN OXT HXT  sing N N 58  
GLY N   CA   sing N N 59  
GLY N   H    sing N N 60  
GLY N   H2   sing N N 61  
GLY CA  C    sing N N 62  
GLY CA  HA2  sing N N 63  
GLY CA  HA3  sing N N 64  
GLY C   O    doub N N 65  
GLY C   OXT  sing N N 66  
GLY OXT HXT  sing N N 67  
HOH O   H1   sing N N 68  
HOH O   H2   sing N N 69  
HYP N   CA   sing N N 70  
HYP N   CD   sing N N 71  
HYP N   H    sing N N 72  
HYP CA  C    sing N N 73  
HYP CA  CB   sing N N 74  
HYP CA  HA   sing N N 75  
HYP C   O    doub N N 76  
HYP C   OXT  sing N N 77  
HYP CB  CG   sing N N 78  
HYP CB  HB2  sing N N 79  
HYP CB  HB3  sing N N 80  
HYP CG  CD   sing N N 81  
HYP CG  OD1  sing N N 82  
HYP CG  HG   sing N N 83  
HYP CD  HD22 sing N N 84  
HYP CD  HD23 sing N N 85  
HYP OD1 HD1  sing N N 86  
HYP OXT HXT  sing N N 87  
LEU N   CA   sing N N 88  
LEU N   H    sing N N 89  
LEU N   H2   sing N N 90  
LEU CA  C    sing N N 91  
LEU CA  CB   sing N N 92  
LEU CA  HA   sing N N 93  
LEU C   O    doub N N 94  
LEU C   OXT  sing N N 95  
LEU CB  CG   sing N N 96  
LEU CB  HB2  sing N N 97  
LEU CB  HB3  sing N N 98  
LEU CG  CD1  sing N N 99  
LEU CG  CD2  sing N N 100 
LEU CG  HG   sing N N 101 
LEU CD1 HD11 sing N N 102 
LEU CD1 HD12 sing N N 103 
LEU CD1 HD13 sing N N 104 
LEU CD2 HD21 sing N N 105 
LEU CD2 HD22 sing N N 106 
LEU CD2 HD23 sing N N 107 
LEU OXT HXT  sing N N 108 
PHL N   CA   sing N N 109 
PHL N   H    sing N N 110 
PHL N   H2   sing N N 111 
PHL CA  C    sing N N 112 
PHL CA  CB   sing N N 113 
PHL CA  HA   sing N N 114 
PHL C   O    sing N N 115 
PHL C   HC1  sing N N 116 
PHL C   HC2  sing N N 117 
PHL O   HO   sing N N 118 
PHL CB  CG   sing N N 119 
PHL CB  HB2  sing N N 120 
PHL CB  HB3  sing N N 121 
PHL CG  CD1  doub Y N 122 
PHL CG  CD2  sing Y N 123 
PHL CD1 CE1  sing Y N 124 
PHL CD1 HD1  sing N N 125 
PHL CD2 CE2  doub Y N 126 
PHL CD2 HD2  sing N N 127 
PHL CE1 CZ   doub Y N 128 
PHL CE1 HE1  sing N N 129 
PHL CE2 CZ   sing Y N 130 
PHL CE2 HE2  sing N N 131 
PHL CZ  HZ   sing N N 132 
VAL N   CA   sing N N 133 
VAL N   H    sing N N 134 
VAL N   H2   sing N N 135 
VAL CA  C    sing N N 136 
VAL CA  CB   sing N N 137 
VAL CA  HA   sing N N 138 
VAL C   O    doub N N 139 
VAL C   OXT  sing N N 140 
VAL CB  CG1  sing N N 141 
VAL CB  CG2  sing N N 142 
VAL CB  HB   sing N N 143 
VAL CG1 HG11 sing N N 144 
VAL CG1 HG12 sing N N 145 
VAL CG1 HG13 sing N N 146 
VAL CG2 HG21 sing N N 147 
VAL CG2 HG22 sing N N 148 
VAL CG2 HG23 sing N N 149 
VAL OXT HXT  sing N N 150 
# 
_atom_sites.entry_id                    5MAS 
_atom_sites.fract_transf_matrix[1][1]   -0.01149631 
_atom_sites.fract_transf_matrix[1][2]   0.01163565 
_atom_sites.fract_transf_matrix[1][3]   0.01736190 
_atom_sites.fract_transf_matrix[2][1]   0.04162698 
_atom_sites.fract_transf_matrix[2][2]   0.09696108 
_atom_sites.fract_transf_matrix[2][3]   -0.03741808 
_atom_sites.fract_transf_matrix[3][1]   -0.04343071 
_atom_sites.fract_transf_matrix[3][2]   0.01577192 
_atom_sites.fract_transf_matrix[3][3]   -0.00744631 
_atom_sites.fract_transf_vector[1]      0.171176 
_atom_sites.fract_transf_vector[2]      0.703612 
_atom_sites.fract_transf_vector[3]      0.098106 
# 
loop_
_atom_type.symbol 
C  
CL 
CR 
H  
N  
O  
# 
loop_
_atom_site.group_PDB 
_atom_site.id 
_atom_site.type_symbol 
_atom_site.label_atom_id 
_atom_site.label_alt_id 
_atom_site.label_comp_id 
_atom_site.label_asym_id 
_atom_site.label_entity_id 
_atom_site.label_seq_id 
_atom_site.pdbx_PDB_ins_code 
_atom_site.Cartn_x 
_atom_site.Cartn_y 
_atom_site.Cartn_z 
_atom_site.occupancy 
_atom_site.B_iso_or_equiv 
_atom_site.pdbx_formal_charge 
_atom_site.auth_seq_id 
_atom_site.auth_comp_id 
_atom_site.auth_asym_id 
_atom_site.auth_atom_id 
_atom_site.pdbx_PDB_model_num 
HETATM 1   C C    . ACE A 1 1  ? 8.797   -5.264 -7.195 1.000 3.41 ? 0   ACE A C    1 
HETATM 2   O O    . ACE A 1 1  ? 8.421   -4.392 -8.004 1.000 4.40 ? 0   ACE A O    1 
HETATM 3   C CH3  . ACE A 1 1  ? 10.168  -5.265 -6.585 1.000 4.28 ? 0   ACE A CH3  1 
HETATM 4   H H1   . ACE A 1 1  ? 10.256  -6.032 -5.981 1.000 6.42 ? 0   ACE A H1   1 
HETATM 5   H H2   . ACE A 1 1  ? 10.841  -5.329 -7.295 1.000 6.42 ? 0   ACE A H2   1 
HETATM 6   H H3   . ACE A 1 1  ? 10.302  -4.436 -6.081 1.000 6.42 ? 0   ACE A H3   1 
ATOM   7   N N    . VAL A 1 2  ? 8.002   -6.260 -6.791 1.000 3.04 ? 1   VAL A N    1 
ATOM   8   C CA   . VAL A 1 2  ? 6.603   -6.419 -7.225 1.000 3.14 ? 1   VAL A CA   1 
ATOM   9   C C    . VAL A 1 2  ? 5.759   -6.387 -5.956 1.000 2.84 ? 1   VAL A C    1 
ATOM   10  O O    . VAL A 1 2  ? 5.104   -5.377 -5.684 1.000 3.49 ? 1   VAL A O    1 
ATOM   11  C CB   . VAL A 1 2  ? 6.382   -7.706 -8.051 1.000 3.18 ? 1   VAL A CB   1 
ATOM   12  C CG1  . VAL A 1 2  ? 4.920   -7.827 -8.433 1.000 4.15 ? 1   VAL A CG1  1 
ATOM   13  C CG2  . VAL A 1 2  ? 7.264   -7.683 -9.317 1.000 3.70 ? 1   VAL A CG2  1 
ATOM   14  H H    . VAL A 1 2  ? 8.334   -6.854 -6.232 1.000 3.64 ? 1   VAL A H    1 
ATOM   15  H HA   . VAL A 1 2  ? 6.356   -5.633 -7.791 1.000 4.71 ? 1   VAL A HA   1 
ATOM   16  H HB   . VAL A 1 2  ? 6.637   -8.496 -7.493 1.000 4.77 ? 1   VAL A HB   1 
ATOM   17  H HG11 . VAL A 1 2  ? 4.785   -8.644 -8.957 1.000 6.23 ? 1   VAL A HG11 1 
ATOM   18  H HG12 . VAL A 1 2  ? 4.371   -7.865 -7.622 1.000 6.23 ? 1   VAL A HG12 1 
ATOM   19  H HG13 . VAL A 1 2  ? 4.656   -7.048 -8.968 1.000 6.23 ? 1   VAL A HG13 1 
ATOM   20  H HG21 . VAL A 1 2  ? 8.206   -7.604 -9.057 1.000 5.55 ? 1   VAL A HG21 1 
ATOM   21  H HG22 . VAL A 1 2  ? 7.132   -8.512 -9.822 1.000 5.55 ? 1   VAL A HG22 1 
ATOM   22  H HG23 . VAL A 1 2  ? 7.015   -6.917 -9.875 1.000 5.55 ? 1   VAL A HG23 1 
HETATM 23  N N    . AIB A 1 3  ? 5.835   -7.445 -5.145 1.000 2.74 ? 2   AIB A N    1 
HETATM 24  C CA   . AIB A 1 3  ? 5.099   -7.496 -3.871 1.000 2.70 ? 2   AIB A CA   1 
HETATM 25  C C    . AIB A 1 3  ? 5.433   -6.236 -3.041 1.000 2.94 ? 2   AIB A C    1 
HETATM 26  O O    . AIB A 1 3  ? 4.550   -5.713 -2.329 1.000 3.15 ? 2   AIB A O    1 
HETATM 27  C CB1  . AIB A 1 3  ? 5.587   -8.705 -3.059 1.000 3.51 ? 2   AIB A CB1  1 
HETATM 28  C CB2  . AIB A 1 3  ? 3.627   -7.597 -4.167 1.000 3.44 ? 2   AIB A CB2  1 
HETATM 29  H H    . AIB A 1 3  ? 6.338   -8.129 -5.377 1.000 3.29 ? 2   AIB A H    1 
HETATM 30  H HB11 . AIB A 1 3  ? 5.101   -8.746 -2.210 1.000 5.27 ? 2   AIB A HB11 1 
HETATM 31  H HB12 . AIB A 1 3  ? 5.424   -9.527 -3.568 1.000 5.27 ? 2   AIB A HB12 1 
HETATM 32  H HB13 . AIB A 1 3  ? 6.546   -8.615 -2.883 1.000 5.27 ? 2   AIB A HB13 1 
HETATM 33  H HB21 . AIB A 1 3  ? 3.128   -7.632 -3.325 1.000 5.16 ? 2   AIB A HB21 1 
HETATM 34  H HB22 . AIB A 1 3  ? 3.344   -6.815 -4.683 1.000 5.16 ? 2   AIB A HB22 1 
HETATM 35  H HB23 . AIB A 1 3  ? 3.453   -8.411 -4.683 1.000 5.16 ? 2   AIB A HB23 1 
HETATM 36  N N    . AIB A 1 4  ? 6.677   -5.781 -3.110 1.000 2.91 ? 3   AIB A N    1 
HETATM 37  C CA   . AIB A 1 4  ? 7.102   -4.603 -2.339 1.000 3.15 ? 3   AIB A CA   1 
HETATM 38  C C    . AIB A 1 4  ? 6.079   -3.445 -2.501 1.000 3.05 ? 3   AIB A C    1 
HETATM 39  O O    . AIB A 1 4  ? 5.793   -2.730 -1.546 1.000 3.25 ? 3   AIB A O    1 
HETATM 40  C CB1  . AIB A 1 4  ? 8.440   -4.104 -2.930 1.000 3.85 ? 3   AIB A CB1  1 
HETATM 41  C CB2  . AIB A 1 4  ? 7.258   -4.948 -0.845 1.000 4.05 ? 3   AIB A CB2  1 
HETATM 42  H H    . AIB A 1 4  ? 7.259   -6.192 -3.626 1.000 3.50 ? 3   AIB A H    1 
HETATM 43  H HB11 . AIB A 1 4  ? 8.744   -3.316 -2.430 1.000 5.78 ? 3   AIB A HB11 1 
HETATM 44  H HB12 . AIB A 1 4  ? 9.113   -4.813 -2.861 1.000 5.78 ? 3   AIB A HB12 1 
HETATM 45  H HB13 . AIB A 1 4  ? 8.313   -3.864 -3.871 1.000 5.78 ? 3   AIB A HB13 1 
HETATM 46  H HB21 . AIB A 1 4  ? 7.541   -4.149 -0.353 1.000 6.07 ? 3   AIB A HB21 1 
HETATM 47  H HB22 . AIB A 1 4  ? 6.400   -5.263 -0.491 1.000 6.07 ? 3   AIB A HB22 1 
HETATM 48  H HB23 . AIB A 1 4  ? 7.932   -5.652 -0.740 1.000 6.07 ? 3   AIB A HB23 1 
HETATM 49  N N    . AIB A 1 5  ? 5.619   -3.244 -3.741 1.000 3.02 ? 4   AIB A N    1 
HETATM 50  C CA   . AIB A 1 5  ? 4.756   -2.082 -4.046 1.000 3.09 ? 4   AIB A CA   1 
HETATM 51  C C    . AIB A 1 5  ? 3.505   -2.109 -3.141 1.000 3.08 ? 4   AIB A C    1 
HETATM 52  O O    . AIB A 1 5  ? 2.991   -1.082 -2.704 1.000 3.31 ? 4   AIB A O    1 
HETATM 53  C CB1  . AIB A 1 5  ? 4.257   -2.234 -5.502 1.000 3.81 ? 4   AIB A CB1  1 
HETATM 54  C CB2  . AIB A 1 5  ? 5.506   -0.810 -3.852 1.000 3.76 ? 4   AIB A CB2  1 
HETATM 55  H H    . AIB A 1 5  ? 5.833   -3.808 -4.381 1.000 3.62 ? 4   AIB A H    1 
HETATM 56  H HB11 . AIB A 1 5  ? 3.680   -1.475 -5.731 1.000 5.71 ? 4   AIB A HB11 1 
HETATM 57  H HB12 . AIB A 1 5  ? 5.024   -2.255 -6.110 1.000 5.71 ? 4   AIB A HB12 1 
HETATM 58  H HB13 . AIB A 1 5  ? 3.749   -3.067 -5.589 1.000 5.71 ? 4   AIB A HB13 1 
HETATM 59  H HB21 . AIB A 1 5  ? 4.920   -0.050 -4.058 1.000 5.65 ? 4   AIB A HB21 1 
HETATM 60  H HB22 . AIB A 1 5  ? 5.807   -0.746 -2.921 1.000 5.65 ? 4   AIB A HB22 1 
HETATM 61  H HB23 . AIB A 1 5  ? 6.283   -0.794 -4.448 1.000 5.65 ? 4   AIB A HB23 1 
ATOM   62  N N    . VAL A 1 6  ? 2.945   -3.320 -2.916 1.000 2.78 ? 5   VAL A N    1 
ATOM   63  C CA   . VAL A 1 6  ? 1.783   -3.465 -2.077 1.000 2.67 ? 5   VAL A CA   1 
ATOM   64  C C    . VAL A 1 6  ? 2.071   -2.973 -0.685 1.000 3.11 ? 5   VAL A C    1 
ATOM   65  O O    . VAL A 1 6  ? 1.287   -2.264 -0.050 1.000 3.33 ? 5   VAL A O    1 
ATOM   66  C CB   . VAL A 1 6  ? 1.276   -4.914 -2.064 1.000 2.75 ? 5   VAL A CB   1 
ATOM   67  C CG1  . VAL A 1 6  ? 0.197   -5.119 -1.030 1.000 3.62 ? 5   VAL A CG1  1 
ATOM   68  C CG2  . VAL A 1 6  ? 0.782   -5.291 -3.479 1.000 3.99 ? 5   VAL A CG2  1 
ATOM   69  H H    . VAL A 1 6  ? 3.298   -4.034 -3.288 1.000 3.33 ? 5   VAL A H    1 
ATOM   70  H HA   . VAL A 1 6  ? 1.058   -2.892 -2.459 1.000 4.01 ? 5   VAL A HA   1 
ATOM   71  H HB   . VAL A 1 6  ? 2.045   -5.510 -1.835 1.000 4.12 ? 5   VAL A HB   1 
ATOM   72  H HG11 . VAL A 1 6  ? -0.102  -6.053 -1.051 1.000 5.44 ? 5   VAL A HG11 1 
ATOM   73  H HG12 . VAL A 1 6  ? 0.553   -4.910 -0.140 1.000 5.44 ? 5   VAL A HG12 1 
ATOM   74  H HG13 . VAL A 1 6  ? -0.561  -4.529 -1.225 1.000 5.44 ? 5   VAL A HG13 1 
ATOM   75  H HG21 . VAL A 1 6  ? 1.504   -5.146 -4.126 1.000 5.99 ? 5   VAL A HG21 1 
ATOM   76  H HG22 . VAL A 1 6  ? 0.515   -6.233 -3.492 1.000 5.99 ? 5   VAL A HG22 1 
ATOM   77  H HG23 . VAL A 1 6  ? 0.013   -4.731 -3.717 1.000 5.99 ? 5   VAL A HG23 1 
ATOM   78  N N    . GLY A 1 7  ? 3.249   -3.366 -0.148 1.000 2.76 ? 6   GLY A N    1 
ATOM   79  C CA   . GLY A 1 7  ? 3.612   -2.933 1.180  1.000 3.21 ? 6   GLY A CA   1 
ATOM   80  C C    . GLY A 1 7  ? 3.765   -1.429 1.325  1.000 2.70 ? 6   GLY A C    1 
ATOM   81  O O    . GLY A 1 7  ? 3.348   -0.844 2.333  1.000 3.17 ? 6   GLY A O    1 
ATOM   82  H H    . GLY A 1 7  ? 3.792   -3.884 -0.608 1.000 3.32 ? 6   GLY A H    1 
ATOM   83  H HA2  . GLY A 1 7  ? 2.920   -3.245 1.816  1.000 4.82 ? 6   GLY A HA2  1 
ATOM   84  H HA3  . GLY A 1 7  ? 4.467   -3.365 1.432  1.000 4.82 ? 6   GLY A HA3  1 
ATOM   85  N N    . LEU A 1 8  ? 4.362   -0.762 0.335  1.000 2.72 ? 7   LEU A N    1 
ATOM   86  C CA   . LEU A 1 8  ? 4.586   0.658  0.462  1.000 2.84 ? 7   LEU A CA   1 
ATOM   87  C C    . LEU A 1 8  ? 3.295   1.465  0.335  1.000 2.94 ? 7   LEU A C    1 
ATOM   88  O O    . LEU A 1 8  ? 3.110   2.467  1.032  1.000 3.56 ? 7   LEU A O    1 
ATOM   89  C CB   . LEU A 1 8  ? 5.635   1.163  -0.561 1.000 3.12 ? 7   LEU A CB   1 
ATOM   90  C CG   . LEU A 1 8  ? 6.994   0.449  -0.479 1.000 3.48 ? 7   LEU A CG   1 
ATOM   91  C CD1  . LEU A 1 8  ? 7.955   1.092  -1.465 1.000 4.59 ? 7   LEU A CD1  1 
ATOM   92  C CD2  . LEU A 1 8  ? 7.569   0.443  0.932  1.000 4.66 ? 7   LEU A CD2  1 
ATOM   93  H H    . LEU A 1 8  ? 4.618   -1.186 -0.391 1.000 3.26 ? 7   LEU A H    1 
ATOM   94  H HA   . LEU A 1 8  ? 4.954   0.823  1.377  1.000 4.27 ? 7   LEU A HA   1 
ATOM   95  H HB2  . LEU A 1 8  ? 5.271   1.047  -1.474 1.000 4.68 ? 7   LEU A HB2  1 
ATOM   96  H HB3  . LEU A 1 8  ? 5.777   2.133  -0.416 1.000 4.68 ? 7   LEU A HB3  1 
ATOM   97  H HG   . LEU A 1 8  ? 6.857   -0.501 -0.758 1.000 5.22 ? 7   LEU A HG   1 
ATOM   98  H HD11 . LEU A 1 8  ? 7.559   1.083  -2.361 1.000 6.88 ? 7   LEU A HD11 1 
ATOM   99  H HD12 . LEU A 1 8  ? 8.130   2.019  -1.194 1.000 6.88 ? 7   LEU A HD12 1 
ATOM   100 H HD13 . LEU A 1 8  ? 8.798   0.591  -1.474 1.000 6.88 ? 7   LEU A HD13 1 
ATOM   101 H HD21 . LEU A 1 8  ? 8.432   -0.023 0.930  1.000 6.99 ? 7   LEU A HD21 1 
ATOM   102 H HD22 . LEU A 1 8  ? 7.696   1.365  1.237  1.000 6.99 ? 7   LEU A HD22 1 
ATOM   103 H HD23 . LEU A 1 8  ? 6.950   -0.019 1.535  1.000 6.99 ? 7   LEU A HD23 1 
HETATM 104 N N    . AIB A 1 9  ? 2.383   1.037  -0.571 1.000 2.59 ? 8   AIB A N    1 
HETATM 105 C CA   . AIB A 1 9  ? 1.054   1.621  -0.752 1.000 2.48 ? 8   AIB A CA   1 
HETATM 106 C C    . AIB A 1 9  ? 0.179   1.410  0.509  1.000 2.72 ? 8   AIB A C    1 
HETATM 107 O O    . AIB A 1 9  ? -0.690  2.224  0.833  1.000 2.93 ? 8   AIB A O    1 
HETATM 108 C CB1  . AIB A 1 9  ? 0.390   0.870  -1.897 1.000 3.10 ? 8   AIB A CB1  1 
HETATM 109 C CB2  . AIB A 1 9  ? 1.124   3.125  -1.101 1.000 3.46 ? 8   AIB A CB2  1 
HETATM 110 H H    . AIB A 1 9  ? 2.606   0.359  -1.087 1.000 3.11 ? 8   AIB A H    1 
HETATM 111 H HB11 . AIB A 1 9  ? -0.507  1.234  -2.050 1.000 4.66 ? 8   AIB A HB11 1 
HETATM 112 H HB12 . AIB A 1 9  ? 0.927   0.973  -2.710 1.000 4.66 ? 8   AIB A HB12 1 
HETATM 113 H HB13 . AIB A 1 9  ? 0.322   -0.081 -1.668 1.000 4.66 ? 8   AIB A HB13 1 
HETATM 114 H HB21 . AIB A 1 9  ? 0.217   3.477  -1.213 1.000 5.20 ? 8   AIB A HB21 1 
HETATM 115 H HB22 . AIB A 1 9  ? 1.573   3.608  -0.376 1.000 5.20 ? 8   AIB A HB22 1 
HETATM 116 H HB23 . AIB A 1 9  ? 1.626   3.244  -1.933 1.000 5.20 ? 8   AIB A HB23 1 
HETATM 117 N N    . AIB A 1 10 ? 0.349   0.225  1.132  1.000 2.65 ? 9   AIB A N    1 
HETATM 118 C CA   . AIB A 1 10 ? -0.678  -0.342 2.016  1.000 2.66 ? 9   AIB A CA   1 
HETATM 119 C C    . AIB A 1 10 ? -1.152  0.680  3.076  1.000 2.37 ? 9   AIB A C    1 
HETATM 120 O O    . AIB A 1 10 ? -2.352  0.769  3.330  1.000 2.49 ? 9   AIB A O    1 
HETATM 121 C CB1  . AIB A 1 10 ? -0.075  -1.541 2.763  1.000 2.69 ? 9   AIB A CB1  1 
HETATM 122 C CB2  . AIB A 1 10 ? -1.851  -0.800 1.151  1.000 2.79 ? 9   AIB A CB2  1 
HETATM 123 H H    . AIB A 1 10 ? 1.097   -0.221 1.006  1.000 3.18 ? 9   AIB A H    1 
HETATM 124 H HB11 . AIB A 1 10 ? -0.751  -1.929 3.357  1.000 4.04 ? 9   AIB A HB11 1 
HETATM 125 H HB12 . AIB A 1 10 ? 0.217   -2.216 2.116  1.000 4.04 ? 9   AIB A HB12 1 
HETATM 126 H HB13 . AIB A 1 10 ? 0.693   -1.243 3.294  1.000 4.04 ? 9   AIB A HB13 1 
HETATM 127 H HB21 . AIB A 1 10 ? -2.549  -1.182 1.723  1.000 4.19 ? 9   AIB A HB21 1 
HETATM 128 H HB22 . AIB A 1 10 ? -2.215  -0.034 0.661  1.000 4.19 ? 9   AIB A HB22 1 
HETATM 129 H HB23 . AIB A 1 10 ? -1.543  -1.478 0.514  1.000 4.19 ? 9   AIB A HB23 1 
HETATM 130 N N    . HYP A 1 11 ? -0.250  1.404  3.764  1.000 2.24 ? 10  HYP A N    1 
HETATM 131 C CA   . HYP A 1 11 ? -0.732  2.232  4.881  1.000 2.55 ? 10  HYP A CA   1 
HETATM 132 C C    . HYP A 1 11 ? -1.705  3.340  4.489  1.000 2.82 ? 10  HYP A C    1 
HETATM 133 O O    . HYP A 1 11 ? -2.378  3.878  5.348  1.000 3.62 ? 10  HYP A O    1 
HETATM 134 C CB   . HYP A 1 11 ? 0.555   2.837  5.461  1.000 2.69 ? 10  HYP A CB   1 
HETATM 135 C CG   . HYP A 1 11 ? 1.672   1.926  4.992  1.000 2.36 ? 10  HYP A CG   1 
HETATM 136 C CD   . HYP A 1 11 ? 1.211   1.487  3.635  1.000 2.35 ? 10  HYP A CD   1 
HETATM 137 O OD1  . HYP A 1 11 ? 1.804   0.769  5.806  1.000 2.81 ? 10  HYP A OD1  1 
HETATM 138 H HA   . HYP A 1 11 ? -1.159  1.643  5.567  1.000 3.83 ? 10  HYP A HA   1 
HETATM 139 H HB2  . HYP A 1 11 ? 0.691   3.758  5.125  1.000 4.03 ? 10  HYP A HB2  1 
HETATM 140 H HB3  . HYP A 1 11 ? 0.515   2.860  6.449  1.000 4.03 ? 10  HYP A HB3  1 
HETATM 141 H HG   . HYP A 1 11 ? 2.538   2.423  4.933  1.000 3.54 ? 10  HYP A HG   1 
HETATM 142 H HD22 . HYP A 1 11 ? 1.469   2.146  2.943  1.000 3.53 ? 10  HYP A HD22 1 
HETATM 143 H HD23 . HYP A 1 11 ? 1.596   0.606  3.398  1.000 3.53 ? 10  HYP A HD23 1 
HETATM 144 H HD1  . HYP A 1 11 ? 1.495   0.929  6.572  1.000 3.38 ? 10  HYP A HD1  1 
ATOM   145 N N    . GLN A 1 12 ? -1.692  3.733  3.188  1.000 2.57 ? 11  GLN A N    1 
ATOM   146 C CA   . GLN A 1 12 ? -2.573  4.792  2.717  1.000 2.59 ? 11  GLN A CA   1 
ATOM   147 C C    . GLN A 1 12 ? -3.965  4.263  2.380  1.000 2.68 ? 11  GLN A C    1 
ATOM   148 O O    . GLN A 1 12 ? -4.891  5.058  2.208  1.000 3.44 ? 11  GLN A O    1 
ATOM   149 C CB   . GLN A 1 12 ? -2.006  5.492  1.505  1.000 2.68 ? 11  GLN A CB   1 
ATOM   150 C CG   . GLN A 1 12 ? -0.540  5.918  1.685  1.000 3.13 ? 11  GLN A CG   1 
ATOM   151 C CD   . GLN A 1 12 ? -0.270  6.602  2.990  1.000 2.99 ? 11  GLN A CD   1 
ATOM   152 O OE1  . GLN A 1 12 ? -1.054  7.423  3.463  1.000 3.82 ? 11  GLN A OE1  1 
ATOM   153 N NE2  . GLN A 1 12 ? 0.897   6.265  3.589  1.000 3.56 ? 11  GLN A NE2  1 
ATOM   154 H H    . GLN A 1 12 ? -1.143  3.341  2.622  1.000 3.09 ? 11  GLN A H    1 
ATOM   155 H HA   . GLN A 1 12 ? -2.665  5.467  3.450  1.000 3.88 ? 11  GLN A HA   1 
ATOM   156 H HB2  . GLN A 1 12 ? -2.070  4.887  0.724  1.000 4.01 ? 11  GLN A HB2  1 
ATOM   157 H HB3  . GLN A 1 12 ? -2.552  6.294  1.311  1.000 4.01 ? 11  GLN A HB3  1 
ATOM   158 H HG2  . GLN A 1 12 ? 0.036   5.117  1.620  1.000 4.70 ? 11  GLN A HG2  1 
ATOM   159 H HG3  . GLN A 1 12 ? -0.291  6.529  0.947  1.000 4.70 ? 11  GLN A HG3  1 
ATOM   160 H HE21 . GLN A 1 12 ? 1.124   6.639  4.353  1.000 4.27 ? 11  GLN A HE21 1 
ATOM   161 H HE22 . GLN A 1 12 ? 1.429   5.672  3.215  1.000 4.27 ? 11  GLN A HE22 1 
HETATM 162 N N    . DIV A 1 13 ? -4.097  2.952  2.208  1.000 2.72 ? 12  DIV A N    1 
HETATM 163 C CA   . DIV A 1 13 ? -5.314  2.392  1.624  1.000 3.16 ? 12  DIV A CA   1 
HETATM 164 C CB1  . DIV A 1 13 ? -5.397  2.811  0.143  1.000 3.82 ? 12  DIV A CB1  1 
HETATM 165 C CG1  . DIV A 1 13 ? -4.126  2.535  -0.684 1.000 4.61 ? 12  DIV A CG1  1 
HETATM 166 C CB2  . DIV A 1 13 ? -5.261  0.852  1.730  1.000 3.82 ? 12  DIV A CB2  1 
HETATM 167 C C    . DIV A 1 13 ? -6.570  2.842  2.342  1.000 2.96 ? 12  DIV A C    1 
HETATM 168 O O    . DIV A 1 13 ? -7.589  3.116  1.718  1.000 3.08 ? 12  DIV A O    1 
HETATM 169 H H    . DIV A 1 13 ? -3.444  2.414  2.449  1.000 3.27 ? 12  DIV A H    1 
HETATM 170 H HB11 . DIV A 1 13 ? -6.155  2.333  -0.278 1.000 5.72 ? 12  DIV A HB11 1 
HETATM 171 H HB12 . DIV A 1 13 ? -5.595  3.781  0.101  1.000 5.72 ? 12  DIV A HB12 1 
HETATM 172 H HG11 . DIV A 1 13 ? -4.266  2.831  -1.608 1.000 6.92 ? 12  DIV A HG11 1 
HETATM 173 H HG12 . DIV A 1 13 ? -3.370  3.025  -0.295 1.000 6.92 ? 12  DIV A HG12 1 
HETATM 174 H HG13 . DIV A 1 13 ? -3.932  1.575  -0.675 1.000 6.92 ? 12  DIV A HG13 1 
HETATM 175 H HB21 . DIV A 1 13 ? -6.075  0.468  1.340  1.000 5.73 ? 12  DIV A HB21 1 
HETATM 176 H HB22 . DIV A 1 13 ? -4.477  0.517  1.245  1.000 5.73 ? 12  DIV A HB22 1 
HETATM 177 H HB23 . DIV A 1 13 ? -5.197  0.591  2.673  1.000 5.73 ? 12  DIV A HB23 1 
HETATM 178 N N    . HYP A 1 14 ? -6.578  2.895  3.691  1.000 2.93 ? 13  HYP A N    1 
HETATM 179 C CA   . HYP A 1 14 ? -7.868  3.190  4.360  1.000 3.45 ? 13  HYP A CA   1 
HETATM 180 C C    . HYP A 1 14 ? -8.472  4.532  4.005  1.000 3.17 ? 13  HYP A C    1 
HETATM 181 O O    . HYP A 1 14 ? -9.685  4.690  4.133  1.000 3.66 ? 13  HYP A O    1 
HETATM 182 C CB   . HYP A 1 14 ? -7.537  3.094  5.852  1.000 3.44 ? 13  HYP A CB   1 
HETATM 183 C CG   . HYP A 1 14 ? -6.336  2.176  5.909  1.000 3.75 ? 13  HYP A CG   1 
HETATM 184 C CD   . HYP A 1 14 ? -5.528  2.574  4.696  1.000 3.49 ? 13  HYP A CD   1 
HETATM 185 O OD1  . HYP A 1 14 ? -6.795  0.841  5.786  1.000 4.64 ? 13  HYP A OD1  1 
HETATM 186 H HA   . HYP A 1 14 ? -8.523  2.471  4.129  1.000 5.17 ? 13  HYP A HA   1 
HETATM 187 H HB2  . HYP A 1 14 ? -7.318  3.986  6.223  1.000 5.16 ? 13  HYP A HB2  1 
HETATM 188 H HB3  . HYP A 1 14 ? -8.298  2.713  6.358  1.000 5.16 ? 13  HYP A HB3  1 
HETATM 189 H HG   . HYP A 1 14 ? -5.816  2.306  6.753  1.000 5.63 ? 13  HYP A HG   1 
HETATM 190 H HD22 . HYP A 1 14 ? -4.961  3.363  4.887  1.000 5.24 ? 13  HYP A HD22 1 
HETATM 191 H HD23 . HYP A 1 14 ? -4.954  1.829  4.388  1.000 5.24 ? 13  HYP A HD23 1 
HETATM 192 H HD1  . HYP A 1 14 ? -6.209  0.314  6.076  1.000 5.57 ? 13  HYP A HD1  1 
HETATM 193 N N    . AIB A 1 15 ? -7.617  5.507  3.618  1.000 2.90 ? 14  AIB A N    1 
HETATM 194 C CA   . AIB A 1 15 ? -8.078  6.858  3.242  1.000 3.32 ? 14  AIB A CA   1 
HETATM 195 C C    . AIB A 1 15 ? -8.910  6.807  1.954  1.000 2.99 ? 14  AIB A C    1 
HETATM 196 O O    . AIB A 1 15 ? -9.615  7.801  1.680  1.000 3.20 ? 14  AIB A O    1 
HETATM 197 C CB1  . AIB A 1 15 ? -6.816  7.674  2.917  1.000 3.94 ? 14  AIB A CB1  1 
HETATM 198 C CB2  . AIB A 1 15 ? -8.847  7.526  4.383  1.000 4.00 ? 14  AIB A CB2  1 
HETATM 199 H H    . AIB A 1 15 ? -6.755  5.329  3.588  1.000 3.48 ? 14  AIB A H    1 
HETATM 200 H HB11 . AIB A 1 15 ? -7.072  8.585  2.660  1.000 5.91 ? 14  AIB A HB11 1 
HETATM 201 H HB12 . AIB A 1 15 ? -6.236  7.708  3.707  1.000 5.91 ? 14  AIB A HB12 1 
HETATM 202 H HB13 . AIB A 1 15 ? -6.334  7.249  2.177  1.000 5.91 ? 14  AIB A HB13 1 
HETATM 203 H HB21 . AIB A 1 15 ? -9.139  8.417  4.101  1.000 6.00 ? 14  AIB A HB21 1 
HETATM 204 H HB22 . AIB A 1 15 ? -9.631  6.983  4.611  1.000 6.00 ? 14  AIB A HB22 1 
HETATM 205 H HB23 . AIB A 1 15 ? -8.264  7.604  5.166  1.000 6.00 ? 14  AIB A HB23 1 
HETATM 206 N N    . PHL A 1 16 ? -8.767  5.764  1.161  1.000 3.07 ? 15  PHL A N    1 
HETATM 207 C CA   . PHL A 1 16 ? -9.353  5.599  -0.171 1.000 3.19 ? 15  PHL A CA   1 
HETATM 208 C C    . PHL A 1 16 ? -10.548 4.686  -0.163 1.000 3.58 ? 15  PHL A C    1 
HETATM 209 O O    . PHL A 1 16 ? -11.584 5.308  0.618  1.000 3.71 ? 15  PHL A O    1 
HETATM 210 C CB   . PHL A 1 16 ? -8.302  5.049  -1.145 1.000 3.34 ? 15  PHL A CB   1 
HETATM 211 C CG   . PHL A 1 16 ? -7.328  6.105  -1.604 1.000 2.97 ? 15  PHL A CG   1 
HETATM 212 C CD1  . PHL A 1 16 ? -6.312  6.562  -0.769 1.000 3.51 ? 15  PHL A CD1  1 
HETATM 213 C CD2  . PHL A 1 16 ? -7.488  6.687  -2.883 1.000 3.34 ? 15  PHL A CD2  1 
HETATM 214 C CE1  . PHL A 1 16 ? -5.489  7.621  -1.175 1.000 3.92 ? 15  PHL A CE1  1 
HETATM 215 C CE2  . PHL A 1 16 ? -6.654  7.718  -3.274 1.000 3.77 ? 15  PHL A CE2  1 
HETATM 216 C CZ   . PHL A 1 16 ? -5.674  8.185  -2.433 1.000 4.41 ? 15  PHL A CZ   1 
HETATM 217 H H    . PHL A 1 16 ? -8.269  5.102  1.460  1.000 3.69 ? 15  PHL A H    1 
HETATM 218 H HA   . PHL A 1 16 ? -9.646  6.496  -0.499 1.000 4.79 ? 15  PHL A HA   1 
HETATM 219 H HC1  . PHL A 1 16 ? -10.865 4.535  -1.089 1.000 5.37 ? 15  PHL A HC1  1 
HETATM 220 H HC2  . PHL A 1 16 ? -10.304 3.811  0.230  1.000 5.37 ? 15  PHL A HC2  1 
HETATM 221 H HO   . PHL A 1 16 ? -12.243 4.790  0.670  1.000 4.46 ? 15  PHL A HO   1 
HETATM 222 H HB2  . PHL A 1 16 ? -7.802  4.317  -0.703 1.000 5.02 ? 15  PHL A HB2  1 
HETATM 223 H HB3  . PHL A 1 16 ? -8.761  4.667  -1.935 1.000 5.02 ? 15  PHL A HB3  1 
HETATM 224 H HD1  . PHL A 1 16 ? -6.176  6.154  0.078  1.000 5.27 ? 15  PHL A HD1  1 
HETATM 225 H HD2  . PHL A 1 16 ? -8.164  6.370  -3.470 1.000 5.01 ? 15  PHL A HD2  1 
HETATM 226 H HE1  . PHL A 1 16 ? -4.811  7.951  -0.596 1.000 5.88 ? 15  PHL A HE1  1 
HETATM 227 H HE2  . PHL A 1 16 ? -6.761  8.108  -4.133 1.000 5.65 ? 15  PHL A HE2  1 
HETATM 228 H HZ   . PHL A 1 16 ? -5.117  8.901  -2.713 1.000 6.61 ? 15  PHL A HZ   1 
HETATM 229 O O    . HOH B 2 .  ? -1.852  6.651  6.240  0.500 3.57 ? 101 HOH A O    1 
# 
loop_
_atom_site_anisotrop.id 
_atom_site_anisotrop.type_symbol 
_atom_site_anisotrop.pdbx_label_atom_id 
_atom_site_anisotrop.pdbx_label_alt_id 
_atom_site_anisotrop.pdbx_label_comp_id 
_atom_site_anisotrop.pdbx_label_asym_id 
_atom_site_anisotrop.pdbx_label_seq_id 
_atom_site_anisotrop.pdbx_PDB_ins_code 
_atom_site_anisotrop.U[1][1] 
_atom_site_anisotrop.U[2][2] 
_atom_site_anisotrop.U[3][3] 
_atom_site_anisotrop.U[1][2] 
_atom_site_anisotrop.U[1][3] 
_atom_site_anisotrop.U[2][3] 
_atom_site_anisotrop.pdbx_auth_seq_id 
_atom_site_anisotrop.pdbx_auth_comp_id 
_atom_site_anisotrop.pdbx_auth_asym_id 
_atom_site_anisotrop.pdbx_auth_atom_id 
1   C C   . ACE A 1  ? 0.0423 0.0356 0.0484 -0.0036 0.0078  0.0001  0   ACE A C   
2   O O   . ACE A 1  ? 0.0442 0.0509 0.0678 -0.0074 0.0015  0.0254  0   ACE A O   
3   C CH3 . ACE A 1  ? 0.0348 0.0508 0.0729 -0.0175 -0.0078 0.0191  0   ACE A CH3 
7   N N   . VAL A 2  ? 0.0255 0.0365 0.0505 0.0028  0.0039  0.0135  1   VAL A N   
8   C CA  . VAL A 2  ? 0.0410 0.0358 0.0396 0.0007  0.0033  0.0086  1   VAL A CA  
9   C C   . VAL A 2  ? 0.0288 0.0346 0.0416 -0.0033 0.0056  0.0041  1   VAL A C   
10  O O   . VAL A 2  ? 0.0453 0.0331 0.0509 0.0050  0.0025  0.0004  1   VAL A O   
11  C CB  . VAL A 2  ? 0.0376 0.0407 0.0395 0.0011  -0.0009 0.0029  1   VAL A CB  
12  C CG1 . VAL A 2  ? 0.0359 0.0583 0.0596 0.0011  0.0035  0.0049  1   VAL A CG1 
13  C CG2 . VAL A 2  ? 0.0451 0.0520 0.0403 0.0037  0.0035  0.0080  1   VAL A CG2 
23  N N   . AIB A 3  ? 0.0292 0.0320 0.0403 0.0032  0.0063  0.0043  2   AIB A N   
24  C CA  . AIB A 3  ? 0.0291 0.0330 0.0381 0.0070  0.0108  0.0053  2   AIB A CA  
25  C C   . AIB A 3  ? 0.0379 0.0428 0.0282 0.0095  0.0028  0.0120  2   AIB A C   
26  O O   . AIB A 3  ? 0.0373 0.0386 0.0410 0.0078  0.0088  0.0064  2   AIB A O   
27  C CB1 . AIB A 3  ? 0.0412 0.0399 0.0492 0.0016  0.0078  0.0177  2   AIB A CB1 
28  C CB2 . AIB A 3  ? 0.0314 0.0482 0.0478 0.0019  0.0022  0.0066  2   AIB A CB2 
36  N N   . AIB A 4  ? 0.0356 0.0346 0.0379 0.0035  0.0075  0.0036  3   AIB A N   
37  C CA  . AIB A 4  ? 0.0429 0.0398 0.0341 0.0072  0.0081  -0.0049 3   AIB A CA  
38  C C   . AIB A 4  ? 0.0314 0.0415 0.0400 -0.0025 0.0028  0.0073  3   AIB A C   
39  O O   . AIB A 4  ? 0.0374 0.0463 0.0367 0.0035  0.0044  -0.0028 3   AIB A O   
40  C CB1 . AIB A 4  ? 0.0325 0.0364 0.0739 0.0003  0.0101  -0.0098 3   AIB A CB1 
41  C CB2 . AIB A 4  ? 0.0511 0.0563 0.0427 0.0164  0.0007  0.0002  3   AIB A CB2 
49  N N   . AIB A 5  ? 0.0342 0.0407 0.0368 0.0042  0.0145  -0.0032 4   AIB A N   
50  C CA  . AIB A 5  ? 0.0406 0.0314 0.0425 0.0035  0.0085  0.0082  4   AIB A CA  
51  C C   . AIB A 5  ? 0.0419 0.0313 0.0407 0.0056  -0.0104 0.0021  4   AIB A C   
52  O O   . AIB A 5  ? 0.0511 0.0324 0.0393 0.0088  0.0100  0.0019  4   AIB A O   
53  C CB1 . AIB A 5  ? 0.0496 0.0508 0.0407 0.0106  0.0107  0.0080  4   AIB A CB1 
54  C CB2 . AIB A 5  ? 0.0525 0.0403 0.0466 -0.0075 0.0086  0.0095  4   AIB A CB2 
62  N N   . VAL A 6  ? 0.0444 0.0265 0.0319 0.0066  0.0079  -0.0069 5   VAL A N   
63  C CA  . VAL A 6  ? 0.0367 0.0337 0.0287 0.0014  0.0079  -0.0054 5   VAL A CA  
64  C C   . VAL A 6  ? 0.0439 0.0246 0.0468 -0.0039 0.0084  0.0007  5   VAL A C   
65  O O   . VAL A 6  ? 0.0482 0.0328 0.0424 0.0007  0.0080  -0.0014 5   VAL A O   
66  C CB  . VAL A 6  ? 0.0360 0.0303 0.0356 -0.0002 0.0051  -0.0066 5   VAL A CB  
67  C CG1 . VAL A 6  ? 0.0339 0.0392 0.0612 0.0041  0.0051  -0.0028 5   VAL A CG1 
68  C CG2 . VAL A 6  ? 0.0481 0.0455 0.0545 0.0023  0.0030  -0.0141 5   VAL A CG2 
78  N N   . GLY A 7  ? 0.0323 0.0305 0.0395 -0.0006 0.0018  0.0024  6   GLY A N   
79  C CA  . GLY A 7  ? 0.0444 0.0293 0.0454 -0.0035 0.0012  0.0057  6   GLY A CA  
80  C C   . GLY A 7  ? 0.0412 0.0276 0.0313 0.0005  -0.0005 -0.0002 6   GLY A C   
81  O O   . GLY A 7  ? 0.0437 0.0361 0.0379 -0.0005 0.0018  -0.0018 6   GLY A O   
85  N N   . LEU A 8  ? 0.0430 0.0259 0.0319 -0.0039 0.0114  0.0005  7   LEU A N   
86  C CA  . LEU A 8  ? 0.0319 0.0332 0.0403 -0.0043 -0.0006 0.0067  7   LEU A CA  
87  C C   . LEU A 8  ? 0.0416 0.0337 0.0336 -0.0024 0.0098  -0.0005 7   LEU A C   
88  O O   . LEU A 8  ? 0.0438 0.0384 0.0499 -0.0041 0.0015  -0.0107 7   LEU A O   
89  C CB  . LEU A 8  ? 0.0329 0.0274 0.0553 -0.0004 0.0088  0.0074  7   LEU A CB  
90  C CG  . LEU A 8  ? 0.0306 0.0422 0.0561 -0.0075 0.0084  0.0021  7   LEU A CG  
91  C CD1 . LEU A 8  ? 0.0371 0.0478 0.0850 -0.0002 0.0195  0.0137  7   LEU A CD1 
92  C CD2 . LEU A 8  ? 0.0483 0.0617 0.0627 0.0003  -0.0121 -0.0014 7   LEU A CD2 
104 N N   . AIB A 9  ? 0.0326 0.0294 0.0340 0.0023  0.0057  -0.0011 8   AIB A N   
105 C CA  . AIB A 9  ? 0.0348 0.0276 0.0295 0.0056  -0.0021 -0.0031 8   AIB A CA  
106 C C   . AIB A 9  ? 0.0381 0.0270 0.0355 0.0005  0.0012  0.0020  8   AIB A C   
107 O O   . AIB A 9  ? 0.0364 0.0324 0.0397 0.0065  0.0049  0.0025  8   AIB A O   
108 C CB1 . AIB A 9  ? 0.0508 0.0315 0.0328 0.0054  0.0031  0.0004  8   AIB A CB1 
109 C CB2 . AIB A 9  ? 0.0445 0.0397 0.0441 0.0011  0.0155  0.0114  8   AIB A CB2 
117 N N   . AIB A 10 ? 0.0294 0.0311 0.0380 0.0071  0.0026  0.0063  9   AIB A N   
118 C CA  . AIB A 10 ? 0.0248 0.0317 0.0423 -0.0014 0.0000  0.0009  9   AIB A CA  
119 C C   . AIB A 10 ? 0.0329 0.0176 0.0374 -0.0055 -0.0063 0.0086  9   AIB A C   
120 O O   . AIB A 10 ? 0.0267 0.0270 0.0384 -0.0037 0.0073  0.0017  9   AIB A O   
121 C CB1 . AIB A 10 ? 0.0311 0.0392 0.0294 -0.0017 0.0015  0.0073  9   AIB A CB1 
122 C CB2 . AIB A 10 ? 0.0356 0.0356 0.0322 -0.0001 -0.0022 0.0005  9   AIB A CB2 
130 N N   . HYP A 11 ? 0.0253 0.0313 0.0263 -0.0020 0.0036  0.0011  10  HYP A N   
131 C CA  . HYP A 11 ? 0.0346 0.0307 0.0293 -0.0034 0.0003  0.0015  10  HYP A CA  
132 C C   . HYP A 11 ? 0.0285 0.0334 0.0427 0.0037  -0.0003 -0.0037 10  HYP A C   
133 O O   . HYP A 11 ? 0.0516 0.0447 0.0377 0.0121  0.0062  0.0059  10  HYP A O   
134 C CB  . HYP A 11 ? 0.0336 0.0329 0.0331 -0.0007 -0.0019 0.0101  10  HYP A CB  
135 C CG  . HYP A 11 ? 0.0333 0.0206 0.0337 0.0025  -0.0053 0.0063  10  HYP A CG  
136 C CD  . HYP A 11 ? 0.0258 0.0303 0.0312 0.0036  0.0004  0.0011  10  HYP A CD  
137 O OD1 . HYP A 11 ? 0.0438 0.0296 0.0308 0.0059  0.0035  0.0095  10  HYP A OD1 
145 N N   . GLN A 12 ? 0.0302 0.0335 0.0315 -0.0009 0.0048  0.0045  11  GLN A N   
146 C CA  . GLN A 12 ? 0.0316 0.0266 0.0376 -0.0008 -0.0005 0.0035  11  GLN A CA  
147 C C   . GLN A 12 ? 0.0368 0.0270 0.0356 0.0011  0.0016  0.0080  11  GLN A C   
148 O O   . GLN A 12 ? 0.0336 0.0360 0.0579 0.0054  -0.0035 0.0053  11  GLN A O   
149 C CB  . GLN A 12 ? 0.0368 0.0289 0.0333 -0.0047 0.0023  0.0070  11  GLN A CB  
150 C CG  . GLN A 12 ? 0.0403 0.0270 0.0488 0.0016  0.0018  0.0065  11  GLN A CG  
151 C CD  . GLN A 12 ? 0.0366 0.0289 0.0452 -0.0105 0.0003  0.0055  11  GLN A CD  
152 O OE1 . GLN A 12 ? 0.0399 0.0302 0.0715 0.0036  -0.0036 -0.0071 11  GLN A OE1 
153 N NE2 . GLN A 12 ? 0.0423 0.0443 0.0451 0.0025  -0.0111 -0.0049 11  GLN A NE2 
162 N N   . DIV A 13 ? 0.0183 0.0303 0.0523 -0.0012 -0.0045 -0.0018 12  DIV A N   
163 C CA  . DIV A 13 ? 0.0341 0.0239 0.0590 0.0077  -0.0082 0.0006  12  DIV A CA  
164 C CB1 . DIV A 13 ? 0.0383 0.0451 0.0580 0.0003  -0.0071 -0.0049 12  DIV A CB1 
165 C CG1 . DIV A 13 ? 0.0462 0.0671 0.0577 0.0012  -0.0022 -0.0107 12  DIV A CG1 
166 C CB2 . DIV A 13 ? 0.0350 0.0339 0.0727 0.0012  -0.0011 -0.0044 12  DIV A CB2 
167 C C   . DIV A 13 ? 0.0294 0.0274 0.0529 -0.0071 -0.0048 -0.0020 12  DIV A C   
168 O O   . DIV A 13 ? 0.0296 0.0299 0.0546 0.0005  -0.0069 0.0037  12  DIV A O   
178 N N   . HYP A 14 ? 0.0245 0.0315 0.0527 0.0009  -0.0012 0.0062  13  HYP A N   
179 C CA  . HYP A 14 ? 0.0386 0.0417 0.0475 -0.0021 0.0017  0.0116  13  HYP A CA  
180 C C   . HYP A 14 ? 0.0338 0.0427 0.0408 0.0007  -0.0059 0.0040  13  HYP A C   
181 O O   . HYP A 14 ? 0.0346 0.0453 0.0558 -0.0013 0.0010  0.0051  13  HYP A O   
182 C CB  . HYP A 14 ? 0.0420 0.0394 0.0460 0.0020  -0.0071 0.0084  13  HYP A CB  
183 C CG  . HYP A 14 ? 0.0484 0.0397 0.0510 -0.0019 -0.0057 0.0082  13  HYP A CG  
184 C CD  . HYP A 14 ? 0.0372 0.0455 0.0467 -0.0038 -0.0095 0.0044  13  HYP A CD  
185 O OD1 . HYP A 14 ? 0.0510 0.0392 0.0817 -0.0023 -0.0049 0.0172  13  HYP A OD1 
193 N N   . AIB A 15 ? 0.0248 0.0325 0.0500 0.0033  0.0017  0.0059  14  AIB A N   
194 C CA  . AIB A 15 ? 0.0369 0.0306 0.0557 -0.0037 -0.0058 0.0054  14  AIB A CA  
195 C C   . AIB A 15 ? 0.0386 0.0274 0.0446 0.0055  0.0069  0.0094  14  AIB A C   
196 O O   . AIB A 15 ? 0.0333 0.0332 0.0520 0.0042  0.0044  0.0045  14  AIB A O   
197 C CB1 . AIB A 15 ? 0.0399 0.0337 0.0723 -0.0006 -0.0045 0.0104  14  AIB A CB1 
198 C CB2 . AIB A 15 ? 0.0473 0.0521 0.0491 0.0064  -0.0055 -0.0061 14  AIB A CB2 
206 N N   . PHL A 16 ? 0.0287 0.0333 0.0519 0.0016  0.0042  0.0087  15  PHL A N   
207 C CA  . PHL A 16 ? 0.0340 0.0365 0.0479 0.0056  0.0063  0.0077  15  PHL A CA  
208 C C   . PHL A 16 ? 0.0361 0.0365 0.0599 0.0022  0.0107  0.0013  15  PHL A C   
209 O O   . PHL A 16 ? 0.0324 0.0386 0.0666 -0.0043 0.0117  0.0064  15  PHL A O   
210 C CB  . PHL A 16 ? 0.0291 0.0464 0.0484 -0.0008 -0.0053 0.0055  15  PHL A CB  
211 C CG  . PHL A 16 ? 0.0312 0.0438 0.0350 -0.0005 0.0033  0.0009  15  PHL A CG  
212 C CD1 . PHL A 16 ? 0.0337 0.0581 0.0384 0.0004  0.0085  0.0022  15  PHL A CD1 
213 C CD2 . PHL A 16 ? 0.0335 0.0470 0.0433 -0.0060 0.0036  0.0050  15  PHL A CD2 
214 C CE1 . PHL A 16 ? 0.0353 0.0582 0.0518 -0.0100 0.0043  -0.0045 15  PHL A CE1 
215 C CE2 . PHL A 16 ? 0.0428 0.0574 0.0395 0.0031  -0.0065 0.0054  15  PHL A CE2 
216 C CZ  . PHL A 16 ? 0.0442 0.0523 0.0667 -0.0010 0.0126  0.0076  15  PHL A CZ  
229 O O   . HOH B .  ? 0.0514 0.0455 0.0356 0.0028  -0.0145 -0.0068 101 HOH A O   
# 
